data_6CH4
#
_entry.id   6CH4
#
_cell.length_a   90.430
_cell.length_b   99.910
_cell.length_c   93.200
_cell.angle_alpha   90.00
_cell.angle_beta   105.17
_cell.angle_gamma   90.00
#
_symmetry.space_group_name_H-M   'P 1 21 1'
#
loop_
_entity.id
_entity.type
_entity.pdbx_description
1 polymer 'Bifunctional AAC/APH'
2 non-polymer 'PHOSPHOAMINOPHOSPHONIC ACID-GUANYLATE ESTER'
3 non-polymer 'MAGNESIUM ION'
4 non-polymer 'CHLORIDE ION'
5 water water
#
_entity_poly.entity_id   1
_entity_poly.type   'polypeptide(L)'
_entity_poly.pdbx_seq_one_letter_code
;MEYRYDDNATNVKAMKYLIEHYFDNFKVDSIEIIGSGYDSVAYLVNNEYIFKTKFSTNKKKGYAKEKAIYNFLNTNLETN
VKIPNIEYSYISDELSILGYKEIKGTFLTPEIYSTMSEEEQNLLKRDIASFLRQMHGLDYTDISECTIDNKQNVLEEYIL
LRETIYNDLTDIEKDYIESFMERLNATTVFEGKKCLCHNDFNCNHLLLDGNNRLTGIIDFGDSGIIDEYCDFIYLLEDSE
EEIGTNFGEDILRMYGNIDIEKAKEYQDIVEEYYPIETIVYGIKNIKQEFIENGRKEIYKRTYKD
;
_entity_poly.pdbx_strand_id   A,B,C,D
#
loop_
_chem_comp.id
_chem_comp.type
_chem_comp.name
_chem_comp.formula
CL non-polymer 'CHLORIDE ION' 'Cl -1'
GNP non-polymer 'PHOSPHOAMINOPHOSPHONIC ACID-GUANYLATE ESTER' 'C10 H17 N6 O13 P3'
MG non-polymer 'MAGNESIUM ION' 'Mg 2'
#
# COMPACT_ATOMS: atom_id res chain seq x y z
N ASN A 8 11.71 24.82 8.70
CA ASN A 8 12.45 23.62 8.13
C ASN A 8 12.37 22.31 9.00
N ALA A 9 12.64 22.48 10.32
CA ALA A 9 12.70 21.41 11.35
C ALA A 9 11.48 20.46 11.34
N THR A 10 10.30 20.94 11.02
CA THR A 10 9.04 20.18 11.16
C THR A 10 8.79 19.06 10.10
N ASN A 11 9.14 19.35 8.83
CA ASN A 11 8.96 18.39 7.72
C ASN A 11 9.75 17.18 7.94
N VAL A 12 10.97 17.47 8.31
CA VAL A 12 11.96 16.51 8.61
C VAL A 12 11.48 15.60 9.78
N LYS A 13 10.86 16.16 10.81
CA LYS A 13 10.40 15.36 11.96
C LYS A 13 9.28 14.45 11.56
N ALA A 14 8.35 15.02 10.83
CA ALA A 14 7.20 14.21 10.29
C ALA A 14 7.68 13.07 9.39
N MET A 15 8.63 13.36 8.54
CA MET A 15 9.12 12.34 7.61
C MET A 15 9.97 11.32 8.34
N LYS A 16 10.77 11.74 9.32
CA LYS A 16 11.48 10.80 10.21
C LYS A 16 10.48 9.83 10.83
N TYR A 17 9.42 10.38 11.39
CA TYR A 17 8.41 9.57 12.00
C TYR A 17 7.81 8.57 10.98
N LEU A 18 7.47 9.01 9.80
CA LEU A 18 6.85 8.12 8.78
C LEU A 18 7.76 7.00 8.28
N ILE A 19 9.01 7.35 8.05
CA ILE A 19 10.02 6.34 7.71
C ILE A 19 10.11 5.26 8.79
N GLU A 20 10.20 5.65 10.06
CA GLU A 20 10.32 4.66 11.12
C GLU A 20 9.04 3.92 11.37
N HIS A 21 7.89 4.47 10.98
CA HIS A 21 6.61 3.82 11.22
C HIS A 21 6.41 2.74 10.14
N TYR A 22 6.63 3.10 8.88
CA TYR A 22 6.37 2.21 7.74
C TYR A 22 7.48 1.18 7.47
N PHE A 23 8.73 1.50 7.85
CA PHE A 23 9.87 0.59 7.66
C PHE A 23 10.43 0.18 9.03
N ASP A 24 9.93 -0.96 9.47
CA ASP A 24 9.98 -1.43 10.86
C ASP A 24 11.28 -1.36 11.59
N ASN A 25 12.37 -1.81 11.00
CA ASN A 25 13.61 -1.72 11.79
C ASN A 25 14.50 -0.59 11.30
N PHE A 26 13.97 0.39 10.61
CA PHE A 26 14.81 1.46 10.10
C PHE A 26 14.97 2.59 11.11
N LYS A 27 16.20 2.94 11.46
CA LYS A 27 16.47 3.99 12.40
C LYS A 27 17.06 5.22 11.74
N VAL A 28 16.38 6.34 11.92
CA VAL A 28 16.83 7.59 11.37
C VAL A 28 17.72 8.26 12.41
N ASP A 29 19.03 8.29 12.16
CA ASP A 29 20.01 9.01 12.98
C ASP A 29 20.23 10.42 12.45
N SER A 30 20.08 10.61 11.15
CA SER A 30 20.04 12.00 10.59
C SER A 30 19.12 12.03 9.40
N ILE A 31 18.63 13.23 9.12
CA ILE A 31 17.76 13.43 7.95
C ILE A 31 17.79 14.89 7.54
N GLU A 32 17.97 15.14 6.27
CA GLU A 32 17.92 16.52 5.75
C GLU A 32 17.22 16.50 4.37
N ILE A 33 16.63 17.64 4.03
CA ILE A 33 16.04 17.85 2.71
C ILE A 33 17.16 18.05 1.69
N ILE A 34 17.18 17.21 0.64
CA ILE A 34 18.17 17.31 -0.41
C ILE A 34 17.55 17.82 -1.69
N GLY A 35 16.23 17.81 -1.81
CA GLY A 35 15.55 18.41 -2.95
C GLY A 35 14.04 18.38 -2.91
N SER A 36 13.43 19.12 -3.83
CA SER A 36 12.00 19.49 -3.76
C SER A 36 11.44 19.75 -5.12
N GLY A 37 10.67 18.80 -5.63
CA GLY A 37 9.74 19.07 -6.73
C GLY A 37 8.57 19.96 -6.28
N TYR A 38 7.57 20.09 -7.16
CA TYR A 38 6.43 20.91 -6.76
C TYR A 38 5.41 20.15 -5.88
N ASP A 39 5.45 18.83 -5.90
CA ASP A 39 4.55 18.06 -5.05
C ASP A 39 5.25 16.77 -4.51
N SER A 40 6.55 16.89 -4.31
CA SER A 40 7.37 15.83 -3.73
C SER A 40 8.54 16.42 -2.94
N VAL A 41 9.07 15.65 -2.00
CA VAL A 41 10.29 16.04 -1.35
C VAL A 41 11.21 14.89 -1.24
N ALA A 42 12.49 15.16 -1.41
CA ALA A 42 13.52 14.15 -1.25
C ALA A 42 14.44 14.43 -0.04
N TYR A 43 14.77 13.38 0.68
CA TYR A 43 15.52 13.44 1.93
C TYR A 43 16.75 12.55 1.87
N LEU A 44 17.86 13.05 2.38
CA LEU A 44 19.08 12.24 2.65
C LEU A 44 19.06 11.81 4.12
N VAL A 45 19.10 10.51 4.34
CA VAL A 45 18.90 9.90 5.60
C VAL A 45 20.16 9.09 5.93
N ASN A 46 20.68 9.32 7.14
CA ASN A 46 21.89 8.64 7.65
C ASN A 46 23.11 8.81 6.74
N ASN A 47 23.15 9.91 6.02
CA ASN A 47 24.16 10.17 4.98
C ASN A 47 24.41 9.05 3.98
N GLU A 48 23.37 8.29 3.70
CA GLU A 48 23.49 7.04 2.99
C GLU A 48 22.24 6.71 2.08
N TYR A 49 21.03 7.07 2.52
CA TYR A 49 19.83 6.72 1.81
C TYR A 49 19.14 7.96 1.27
N ILE A 50 18.65 7.87 0.05
CA ILE A 50 17.70 8.86 -0.44
C ILE A 50 16.28 8.31 -0.16
N PHE A 51 15.42 9.13 0.39
CA PHE A 51 14.02 8.80 0.53
C PHE A 51 13.24 9.86 -0.19
N LYS A 52 12.52 9.46 -1.21
CA LYS A 52 11.69 10.33 -2.04
C LYS A 52 10.29 10.20 -1.52
N THR A 53 9.54 11.28 -1.34
CA THR A 53 8.21 11.12 -0.84
C THR A 53 7.21 12.01 -1.46
N LYS A 54 5.96 11.60 -1.48
CA LYS A 54 4.87 12.37 -2.12
C LYS A 54 3.58 12.07 -1.37
N PHE A 55 2.74 13.05 -1.17
CA PHE A 55 1.36 12.87 -0.69
C PHE A 55 0.34 12.91 -1.84
N SER A 56 -0.98 12.83 -1.63
CA SER A 56 -1.88 12.57 -2.79
C SER A 56 -1.64 13.60 -3.92
N THR A 57 -1.50 13.12 -5.15
CA THR A 57 -1.44 14.00 -6.34
C THR A 57 -2.30 13.46 -7.51
N ASN A 58 -2.34 14.19 -8.65
CA ASN A 58 -3.06 13.76 -9.87
C ASN A 58 -2.57 12.39 -10.41
N LYS A 59 -1.25 12.12 -10.44
CA LYS A 59 -0.68 10.77 -10.80
C LYS A 59 -0.79 9.70 -9.65
N LYS A 60 -2.04 9.35 -9.28
CA LYS A 60 -2.37 8.41 -8.17
C LYS A 60 -1.61 7.03 -8.25
N LYS A 61 -0.98 6.70 -9.41
CA LYS A 61 -0.14 5.43 -9.57
C LYS A 61 1.41 5.75 -9.93
N GLY A 62 1.90 6.87 -9.36
CA GLY A 62 3.14 7.56 -9.74
C GLY A 62 4.36 6.86 -9.17
N TYR A 63 4.44 6.71 -7.80
CA TYR A 63 5.62 5.95 -7.32
C TYR A 63 5.60 4.45 -7.61
N ALA A 64 4.40 3.89 -7.83
CA ALA A 64 4.29 2.54 -8.34
C ALA A 64 5.02 2.33 -9.65
N LYS A 65 4.78 3.18 -10.66
CA LYS A 65 5.43 3.01 -11.98
C LYS A 65 6.90 3.24 -11.88
N GLU A 66 7.29 4.23 -11.10
CA GLU A 66 8.69 4.55 -11.02
C GLU A 66 9.46 3.33 -10.42
N LYS A 67 8.89 2.74 -9.38
CA LYS A 67 9.43 1.56 -8.77
C LYS A 67 9.50 0.38 -9.76
N ALA A 68 8.43 0.10 -10.52
CA ALA A 68 8.45 -0.93 -11.51
C ALA A 68 9.57 -0.69 -12.56
N ILE A 69 9.85 0.57 -12.86
CA ILE A 69 10.90 0.88 -13.80
C ILE A 69 12.28 0.64 -13.23
N TYR A 70 12.51 1.07 -11.99
CA TYR A 70 13.76 0.74 -11.33
C TYR A 70 13.96 -0.77 -11.26
N ASN A 71 12.91 -1.54 -11.00
CA ASN A 71 13.04 -2.97 -10.86
C ASN A 71 13.42 -3.58 -12.23
N PHE A 72 12.70 -3.16 -13.29
CA PHE A 72 12.94 -3.63 -14.61
C PHE A 72 14.39 -3.31 -15.08
N LEU A 73 14.83 -2.09 -14.84
CA LEU A 73 16.16 -1.69 -15.28
C LEU A 73 17.28 -2.39 -14.48
N ASN A 74 17.09 -2.59 -13.17
CA ASN A 74 18.11 -3.22 -12.36
C ASN A 74 18.23 -4.72 -12.76
N THR A 75 17.13 -5.34 -13.17
CA THR A 75 17.12 -6.66 -13.73
C THR A 75 17.74 -6.74 -15.15
N ASN A 76 17.52 -5.78 -16.04
CA ASN A 76 17.82 -6.03 -17.43
C ASN A 76 19.01 -5.24 -17.97
N LEU A 77 19.38 -4.10 -17.40
CA LEU A 77 20.51 -3.34 -17.94
C LEU A 77 21.83 -3.99 -17.61
N GLU A 78 22.80 -3.92 -18.53
CA GLU A 78 24.18 -4.35 -18.29
C GLU A 78 25.04 -3.11 -18.49
N THR A 79 25.44 -2.44 -17.42
CA THR A 79 26.07 -1.16 -17.48
C THR A 79 26.79 -0.97 -16.19
N ASN A 80 27.84 -0.20 -16.17
CA ASN A 80 28.49 0.22 -14.93
C ASN A 80 27.84 1.45 -14.39
N VAL A 81 26.92 2.07 -15.14
CA VAL A 81 26.24 3.28 -14.64
C VAL A 81 25.23 2.88 -13.60
N LYS A 82 25.25 3.55 -12.44
CA LYS A 82 24.35 3.19 -11.38
C LYS A 82 23.03 3.95 -11.50
N ILE A 83 21.97 3.26 -11.15
CA ILE A 83 20.69 3.86 -11.04
C ILE A 83 20.07 3.50 -9.65
N PRO A 84 19.05 4.22 -9.23
CA PRO A 84 18.43 3.87 -7.95
C PRO A 84 18.00 2.40 -7.90
N ASN A 85 18.32 1.75 -6.79
CA ASN A 85 17.88 0.39 -6.54
C ASN A 85 17.02 0.39 -5.25
N ILE A 86 15.71 0.17 -5.42
CA ILE A 86 14.79 0.43 -4.38
C ILE A 86 14.82 -0.67 -3.30
N GLU A 87 15.19 -0.27 -2.08
CA GLU A 87 15.16 -1.15 -0.92
C GLU A 87 13.92 -0.96 -0.05
N TYR A 88 13.31 0.21 -0.04
CA TYR A 88 12.16 0.50 0.79
C TYR A 88 11.10 1.16 -0.05
N SER A 89 9.87 0.70 0.08
CA SER A 89 8.80 1.33 -0.60
C SER A 89 7.52 1.16 0.22
N TYR A 90 6.71 2.22 0.18
CA TYR A 90 5.37 2.25 0.72
C TYR A 90 4.55 3.04 -0.29
N ILE A 91 3.55 2.39 -0.84
CA ILE A 91 2.72 2.99 -1.88
C ILE A 91 1.27 2.89 -1.48
N SER A 92 0.59 4.04 -1.47
CA SER A 92 -0.83 4.17 -1.12
C SER A 92 -1.33 5.40 -1.84
N ASP A 93 -2.62 5.53 -1.93
CA ASP A 93 -3.27 6.70 -2.55
C ASP A 93 -2.75 8.01 -1.96
N GLU A 94 -2.66 8.06 -0.63
CA GLU A 94 -2.42 9.30 0.09
C GLU A 94 -0.90 9.55 0.32
N LEU A 95 -0.05 8.53 0.18
CA LEU A 95 1.36 8.64 0.54
C LEU A 95 2.19 7.67 -0.19
N SER A 96 3.28 8.12 -0.81
CA SER A 96 4.23 7.19 -1.39
C SER A 96 5.64 7.55 -0.97
N ILE A 97 6.42 6.53 -0.61
CA ILE A 97 7.77 6.71 -0.25
C ILE A 97 8.63 5.67 -0.98
N LEU A 98 9.78 6.09 -1.52
CA LEU A 98 10.77 5.18 -2.10
C LEU A 98 12.10 5.45 -1.44
N GLY A 99 12.78 4.41 -0.99
CA GLY A 99 14.10 4.57 -0.47
C GLY A 99 15.14 3.73 -1.15
N TYR A 100 16.34 4.30 -1.31
CA TYR A 100 17.42 3.59 -2.00
C TYR A 100 18.71 4.23 -1.55
N LYS A 101 19.83 3.47 -1.69
CA LYS A 101 21.14 4.03 -1.40
C LYS A 101 21.51 5.15 -2.36
N GLU A 102 21.96 6.26 -1.79
CA GLU A 102 22.38 7.44 -2.51
C GLU A 102 23.48 7.04 -3.48
N ILE A 103 23.36 7.41 -4.74
CA ILE A 103 24.45 7.25 -5.68
C ILE A 103 25.35 8.43 -5.49
N LYS A 104 26.62 8.15 -5.30
CA LYS A 104 27.60 9.18 -5.01
C LYS A 104 28.20 9.79 -6.26
N GLY A 105 28.50 11.06 -6.21
CA GLY A 105 29.07 11.75 -7.36
C GLY A 105 28.71 13.22 -7.31
N THR A 106 29.05 13.90 -8.40
CA THR A 106 28.83 15.34 -8.58
C THR A 106 27.89 15.48 -9.80
N PHE A 107 26.79 16.23 -9.68
CA PHE A 107 25.92 16.54 -10.82
C PHE A 107 26.63 17.31 -11.90
N LEU A 108 26.46 16.86 -13.15
CA LEU A 108 26.93 17.61 -14.32
C LEU A 108 26.32 19.00 -14.37
N THR A 109 27.15 20.00 -14.66
CA THR A 109 26.67 21.36 -14.85
C THR A 109 27.43 21.92 -16.06
N PRO A 110 26.90 22.98 -16.68
CA PRO A 110 27.67 23.72 -17.67
C PRO A 110 29.07 24.14 -17.20
N GLU A 111 29.18 24.61 -15.98
CA GLU A 111 30.44 25.07 -15.45
C GLU A 111 31.47 23.95 -15.42
N ILE A 112 31.07 22.77 -14.93
CA ILE A 112 31.98 21.64 -14.86
C ILE A 112 32.43 21.21 -16.28
N TYR A 113 31.47 21.13 -17.18
CA TYR A 113 31.74 20.76 -18.52
C TYR A 113 32.79 21.61 -19.19
N SER A 114 32.69 22.91 -18.98
CA SER A 114 33.60 23.83 -19.61
C SER A 114 35.02 23.71 -19.05
N THR A 115 35.21 23.19 -17.82
CA THR A 115 36.59 22.87 -17.32
C THR A 115 37.13 21.48 -17.85
N MET A 116 36.30 20.66 -18.47
CA MET A 116 36.77 19.38 -18.98
C MET A 116 37.59 19.57 -20.26
N SER A 117 38.63 18.77 -20.45
CA SER A 117 39.37 18.75 -21.71
C SER A 117 38.47 18.18 -22.79
N GLU A 118 38.84 18.41 -24.03
CA GLU A 118 38.13 17.91 -25.15
C GLU A 118 37.87 16.34 -25.06
N GLU A 119 38.91 15.64 -24.64
CA GLU A 119 38.84 14.20 -24.52
C GLU A 119 37.89 13.78 -23.36
N GLU A 120 37.93 14.48 -22.20
CA GLU A 120 36.94 14.24 -21.15
C GLU A 120 35.50 14.51 -21.60
N GLN A 121 35.32 15.55 -22.41
CA GLN A 121 34.00 15.84 -22.91
C GLN A 121 33.51 14.74 -23.80
N ASN A 122 34.35 14.28 -24.72
CA ASN A 122 34.03 13.21 -25.66
C ASN A 122 33.70 11.94 -24.90
N LEU A 123 34.45 11.58 -23.86
CA LEU A 123 34.19 10.34 -23.12
C LEU A 123 32.83 10.44 -22.42
N LEU A 124 32.51 11.62 -21.83
CA LEU A 124 31.21 11.79 -21.24
C LEU A 124 30.09 11.65 -22.25
N LYS A 125 30.24 12.27 -23.43
CA LYS A 125 29.21 12.14 -24.44
C LYS A 125 29.04 10.69 -24.87
N ARG A 126 30.14 9.96 -25.02
CA ARG A 126 30.10 8.54 -25.38
C ARG A 126 29.41 7.72 -24.30
N ASP A 127 29.71 8.01 -23.04
CA ASP A 127 29.04 7.34 -21.95
C ASP A 127 27.53 7.56 -22.04
N ILE A 128 27.14 8.83 -22.31
CA ILE A 128 25.70 9.10 -22.35
C ILE A 128 25.06 8.36 -23.54
N ALA A 129 25.65 8.47 -24.70
CA ALA A 129 25.16 7.80 -25.89
C ALA A 129 25.03 6.29 -25.67
N SER A 130 26.02 5.71 -25.01
CA SER A 130 26.02 4.31 -24.77
C SER A 130 24.88 3.89 -23.81
N PHE A 131 24.69 4.67 -22.74
CA PHE A 131 23.65 4.40 -21.82
C PHE A 131 22.26 4.46 -22.50
N LEU A 132 22.03 5.48 -23.25
CA LEU A 132 20.78 5.64 -23.98
C LEU A 132 20.56 4.55 -25.03
N ARG A 133 21.62 4.12 -25.70
CA ARG A 133 21.49 3.08 -26.75
C ARG A 133 21.06 1.78 -26.04
N GLN A 134 21.69 1.50 -24.90
CA GLN A 134 21.35 0.32 -24.20
C GLN A 134 19.91 0.37 -23.63
N MET A 135 19.50 1.47 -23.01
CA MET A 135 18.14 1.54 -22.46
C MET A 135 17.09 1.49 -23.54
N HIS A 136 17.31 2.26 -24.60
CA HIS A 136 16.37 2.31 -25.70
C HIS A 136 16.26 0.98 -26.46
N GLY A 137 17.28 0.13 -26.38
CA GLY A 137 17.27 -1.16 -27.07
C GLY A 137 16.66 -2.28 -26.22
N LEU A 138 16.26 -2.04 -24.96
CA LEU A 138 15.73 -3.11 -24.16
C LEU A 138 14.40 -3.52 -24.70
N ASP A 139 14.15 -4.82 -24.67
CA ASP A 139 12.85 -5.37 -24.95
C ASP A 139 11.99 -4.96 -23.73
N TYR A 140 10.90 -4.22 -23.97
CA TYR A 140 10.14 -3.59 -22.89
C TYR A 140 8.82 -4.28 -22.62
N THR A 141 8.69 -5.54 -23.06
CA THR A 141 7.45 -6.26 -22.92
C THR A 141 7.05 -6.32 -21.47
N ASP A 142 8.03 -6.54 -20.59
CA ASP A 142 7.77 -6.74 -19.17
C ASP A 142 7.32 -5.45 -18.38
N ILE A 143 7.43 -4.29 -19.00
CA ILE A 143 7.00 -3.03 -18.43
C ILE A 143 6.04 -2.33 -19.37
N SER A 144 5.27 -3.13 -20.13
CA SER A 144 4.54 -2.61 -21.26
C SER A 144 3.35 -1.72 -20.88
N GLU A 145 2.92 -1.79 -19.62
CA GLU A 145 1.89 -0.91 -19.08
C GLU A 145 2.39 0.53 -18.89
N CYS A 146 3.71 0.77 -18.87
CA CYS A 146 4.27 2.09 -18.79
C CYS A 146 4.38 2.83 -20.13
N THR A 147 3.37 2.78 -20.98
CA THR A 147 3.34 3.50 -22.25
C THR A 147 2.92 4.93 -21.97
N ILE A 148 3.42 5.81 -22.81
CA ILE A 148 3.05 7.22 -22.71
C ILE A 148 2.92 7.66 -24.14
N ASP A 149 1.79 8.25 -24.48
CA ASP A 149 1.52 8.77 -25.84
C ASP A 149 1.44 10.31 -25.69
N ASN A 150 2.54 11.02 -25.95
CA ASN A 150 2.53 12.46 -25.78
C ASN A 150 1.53 13.21 -26.65
N LYS A 151 1.37 12.81 -27.89
CA LYS A 151 0.41 13.49 -28.75
C LYS A 151 -1.01 13.40 -28.21
N GLN A 152 -1.40 12.21 -27.86
CA GLN A 152 -2.73 11.97 -27.28
C GLN A 152 -2.90 12.69 -25.95
N ASN A 153 -1.88 12.72 -25.11
CA ASN A 153 -1.97 13.47 -23.85
C ASN A 153 -2.25 14.93 -24.11
N VAL A 154 -1.55 15.52 -25.07
CA VAL A 154 -1.80 16.92 -25.46
C VAL A 154 -3.20 17.15 -25.94
N LEU A 155 -3.71 16.25 -26.75
CA LEU A 155 -5.09 16.37 -27.20
C LEU A 155 -6.05 16.36 -26.03
N GLU A 156 -5.86 15.46 -25.07
CA GLU A 156 -6.70 15.41 -23.88
C GLU A 156 -6.55 16.62 -23.00
N GLU A 157 -5.38 17.18 -22.93
CA GLU A 157 -5.17 18.41 -22.18
C GLU A 157 -5.83 19.59 -22.82
N TYR A 158 -5.84 19.63 -24.16
CA TYR A 158 -6.51 20.69 -24.92
C TYR A 158 -7.99 20.54 -24.70
N ILE A 159 -8.52 19.34 -24.67
CA ILE A 159 -9.95 19.20 -24.39
C ILE A 159 -10.31 19.72 -23.00
N LEU A 160 -9.46 19.44 -22.01
CA LEU A 160 -9.66 19.98 -20.70
C LEU A 160 -9.68 21.52 -20.71
N LEU A 161 -8.75 22.13 -21.43
CA LEU A 161 -8.76 23.58 -21.60
C LEU A 161 -10.05 24.07 -22.15
N ARG A 162 -10.50 23.44 -23.23
CA ARG A 162 -11.77 23.81 -23.87
C ARG A 162 -12.94 23.73 -22.91
N GLU A 163 -12.91 22.72 -22.04
CA GLU A 163 -13.97 22.51 -21.06
C GLU A 163 -13.89 23.44 -19.84
N THR A 164 -12.78 24.16 -19.64
CA THR A 164 -12.61 24.93 -18.39
C THR A 164 -12.39 26.37 -18.72
N ILE A 165 -11.14 26.78 -18.90
CA ILE A 165 -10.84 28.20 -19.02
C ILE A 165 -10.65 28.79 -20.42
N TYR A 166 -10.68 27.97 -21.47
CA TYR A 166 -10.31 28.46 -22.78
C TYR A 166 -11.09 29.70 -23.19
N ASN A 167 -12.38 29.71 -22.94
CA ASN A 167 -13.23 30.83 -23.36
C ASN A 167 -12.93 32.14 -22.62
N ASP A 168 -12.36 32.08 -21.43
CA ASP A 168 -11.90 33.28 -20.77
C ASP A 168 -10.48 33.77 -21.17
N LEU A 169 -9.77 33.06 -22.03
CA LEU A 169 -8.43 33.47 -22.44
C LEU A 169 -8.52 34.66 -23.37
N THR A 170 -7.45 35.42 -23.50
CA THR A 170 -7.43 36.49 -24.54
C THR A 170 -7.19 35.88 -25.94
N ASP A 171 -7.39 36.70 -26.95
CA ASP A 171 -7.15 36.30 -28.32
C ASP A 171 -5.71 35.90 -28.56
N ILE A 172 -4.76 36.64 -28.00
CA ILE A 172 -3.34 36.30 -28.12
C ILE A 172 -3.04 34.92 -27.52
N GLU A 173 -3.63 34.61 -26.38
CA GLU A 173 -3.45 33.32 -25.75
C GLU A 173 -4.07 32.21 -26.58
N LYS A 174 -5.30 32.42 -27.01
CA LYS A 174 -5.96 31.45 -27.87
C LYS A 174 -5.18 31.24 -29.17
N ASP A 175 -4.68 32.28 -29.80
CA ASP A 175 -3.93 32.09 -30.99
C ASP A 175 -2.67 31.29 -30.78
N TYR A 176 -1.99 31.47 -29.65
CA TYR A 176 -0.78 30.73 -29.39
C TYR A 176 -1.15 29.26 -29.29
N ILE A 177 -2.20 28.95 -28.54
CA ILE A 177 -2.64 27.56 -28.36
C ILE A 177 -3.03 26.92 -29.72
N GLU A 178 -3.83 27.60 -30.51
CA GLU A 178 -4.32 27.07 -31.79
C GLU A 178 -3.16 26.91 -32.78
N SER A 179 -2.27 27.81 -32.75
CA SER A 179 -1.09 27.75 -33.58
C SER A 179 -0.18 26.49 -33.22
N PHE A 180 -0.05 26.21 -31.94
CA PHE A 180 0.54 24.99 -31.47
C PHE A 180 -0.22 23.74 -31.96
N MET A 181 -1.55 23.74 -31.80
CA MET A 181 -2.39 22.60 -32.24
C MET A 181 -2.29 22.34 -33.70
N GLU A 182 -2.17 23.38 -34.51
CA GLU A 182 -1.97 23.24 -35.96
C GLU A 182 -0.61 22.52 -36.23
N ARG A 183 0.40 22.93 -35.53
CA ARG A 183 1.70 22.34 -35.70
C ARG A 183 1.70 20.86 -35.23
N LEU A 184 1.06 20.60 -34.11
CA LEU A 184 0.90 19.24 -33.63
C LEU A 184 0.24 18.31 -34.67
N ASN A 185 -0.73 18.83 -35.37
CA ASN A 185 -1.46 18.10 -36.37
C ASN A 185 -0.66 17.93 -37.70
N ALA A 186 0.26 18.85 -38.01
CA ALA A 186 1.10 18.69 -39.20
C ALA A 186 2.38 17.86 -38.93
N THR A 187 2.86 17.76 -37.74
CA THR A 187 4.17 17.11 -37.52
C THR A 187 4.12 15.59 -37.73
N THR A 188 5.22 15.03 -38.16
CA THR A 188 5.41 13.58 -38.16
C THR A 188 6.28 13.07 -37.03
N VAL A 189 6.70 13.89 -36.09
CA VAL A 189 7.71 13.39 -35.16
C VAL A 189 7.22 12.47 -34.10
N PHE A 190 5.91 12.28 -33.98
CA PHE A 190 5.35 11.25 -33.04
C PHE A 190 5.15 9.91 -33.70
N GLU A 191 5.53 9.74 -34.95
CA GLU A 191 5.22 8.51 -35.66
C GLU A 191 6.44 7.60 -35.78
N GLY A 192 7.53 7.85 -35.07
CA GLY A 192 8.70 7.02 -35.24
C GLY A 192 8.83 5.98 -34.14
N LYS A 193 10.07 5.54 -33.90
CA LYS A 193 10.36 4.47 -32.99
C LYS A 193 9.97 4.84 -31.54
N LYS A 194 9.33 3.87 -30.87
CA LYS A 194 8.97 3.92 -29.47
C LYS A 194 9.94 3.03 -28.70
N CYS A 195 10.30 3.43 -27.50
CA CYS A 195 11.11 2.63 -26.63
C CYS A 195 11.08 3.17 -25.22
N LEU A 196 11.66 2.47 -24.29
CA LEU A 196 11.73 2.92 -22.92
C LEU A 196 12.70 4.11 -22.82
N CYS A 197 12.24 5.24 -22.37
CA CYS A 197 13.04 6.44 -22.23
C CYS A 197 13.01 6.92 -20.78
N HIS A 198 14.09 7.56 -20.37
CA HIS A 198 14.18 8.17 -19.05
C HIS A 198 13.14 9.27 -18.92
N ASN A 199 13.07 10.12 -19.96
CA ASN A 199 12.05 11.14 -20.13
C ASN A 199 12.18 12.35 -19.27
N ASP A 200 13.29 12.50 -18.58
CA ASP A 200 13.64 13.80 -18.00
C ASP A 200 15.18 13.87 -17.93
N PHE A 201 15.80 13.65 -19.08
CA PHE A 201 17.19 13.34 -19.14
C PHE A 201 18.02 14.60 -19.31
N ASN A 202 18.41 15.22 -18.21
CA ASN A 202 19.09 16.49 -18.24
C ASN A 202 20.20 16.52 -17.24
N CYS A 203 20.97 17.57 -17.21
CA CYS A 203 22.14 17.73 -16.34
C CYS A 203 21.91 17.39 -14.85
N ASN A 204 20.81 17.87 -14.28
CA ASN A 204 20.41 17.62 -12.93
C ASN A 204 20.22 16.18 -12.53
N HIS A 205 20.12 15.28 -13.50
CA HIS A 205 19.94 13.89 -13.21
C HIS A 205 21.15 13.06 -13.55
N LEU A 206 22.23 13.67 -13.94
CA LEU A 206 23.43 12.96 -14.35
C LEU A 206 24.57 13.17 -13.38
N LEU A 207 25.10 12.08 -12.84
CA LEU A 207 26.18 12.14 -11.84
C LEU A 207 27.51 11.74 -12.45
N LEU A 208 28.53 12.48 -12.07
CA LEU A 208 29.92 12.22 -12.44
C LEU A 208 30.74 11.68 -11.30
N ASP A 209 31.68 10.78 -11.62
CA ASP A 209 32.68 10.30 -10.66
C ASP A 209 33.88 11.22 -10.63
N GLY A 210 34.95 10.89 -9.88
CA GLY A 210 36.10 11.80 -9.71
C GLY A 210 36.95 12.00 -10.96
N ASN A 211 36.74 11.19 -11.99
CA ASN A 211 37.36 11.37 -13.33
C ASN A 211 36.44 12.06 -14.38
N ASN A 212 35.33 12.65 -13.95
CA ASN A 212 34.31 13.26 -14.83
C ASN A 212 33.67 12.34 -15.86
N ARG A 213 33.61 11.07 -15.52
CA ARG A 213 32.83 10.12 -16.29
C ARG A 213 31.49 9.91 -15.68
N LEU A 214 30.58 9.41 -16.48
CA LEU A 214 29.21 9.25 -16.02
C LEU A 214 29.22 8.08 -15.10
N THR A 215 28.76 8.31 -13.87
CA THR A 215 28.68 7.26 -12.88
C THR A 215 27.27 6.88 -12.44
N GLY A 216 26.32 7.82 -12.61
CA GLY A 216 24.96 7.54 -12.19
C GLY A 216 23.91 8.38 -12.83
N ILE A 217 22.70 7.85 -12.86
CA ILE A 217 21.52 8.54 -13.40
C ILE A 217 20.38 8.33 -12.43
N ILE A 218 19.68 9.40 -12.06
CA ILE A 218 18.59 9.36 -11.12
C ILE A 218 17.32 9.87 -11.74
N ASP A 219 16.26 9.73 -10.97
CA ASP A 219 14.91 10.22 -11.25
C ASP A 219 14.33 9.72 -12.57
N PHE A 220 13.94 8.49 -12.55
CA PHE A 220 13.18 7.93 -13.62
C PHE A 220 11.69 8.06 -13.34
N GLY A 221 11.28 9.09 -12.61
CA GLY A 221 9.89 9.35 -12.32
C GLY A 221 8.96 9.66 -13.42
N ASP A 222 9.45 10.02 -14.61
CA ASP A 222 8.55 10.23 -15.73
C ASP A 222 8.84 9.23 -16.83
N SER A 223 9.62 8.19 -16.56
CA SER A 223 10.00 7.23 -17.58
C SER A 223 8.86 6.44 -18.10
N GLY A 224 8.99 5.99 -19.33
CA GLY A 224 8.01 5.22 -19.97
C GLY A 224 8.38 4.83 -21.37
N ILE A 225 7.52 4.07 -22.01
CA ILE A 225 7.65 3.73 -23.37
C ILE A 225 7.00 4.86 -24.17
N ILE A 226 7.81 5.50 -25.02
CA ILE A 226 7.50 6.79 -25.61
C ILE A 226 8.43 7.00 -26.77
N ASP A 227 8.27 8.08 -27.52
CA ASP A 227 9.17 8.36 -28.64
C ASP A 227 10.66 8.42 -28.21
N GLU A 228 11.48 7.71 -28.98
CA GLU A 228 12.92 7.73 -28.86
C GLU A 228 13.51 9.17 -28.81
N TYR A 229 12.95 10.07 -29.58
CA TYR A 229 13.37 11.47 -29.55
C TYR A 229 13.32 12.14 -28.13
N CYS A 230 12.43 11.67 -27.25
CA CYS A 230 12.23 12.27 -25.87
C CYS A 230 13.52 12.43 -25.13
N ASP A 231 14.41 11.46 -25.23
CA ASP A 231 15.57 11.49 -24.40
C ASP A 231 16.67 12.42 -24.89
N PHE A 232 16.42 13.15 -25.98
CA PHE A 232 17.41 14.09 -26.47
C PHE A 232 16.99 15.53 -26.30
N ILE A 233 15.80 15.75 -25.80
CA ILE A 233 15.23 17.08 -25.75
C ILE A 233 16.00 18.03 -24.89
N TYR A 234 16.54 17.56 -23.78
CA TYR A 234 17.26 18.50 -22.87
C TYR A 234 18.73 18.57 -23.26
N LEU A 235 19.26 17.48 -23.79
CA LEU A 235 20.62 17.49 -24.31
C LEU A 235 20.70 18.45 -25.48
N LEU A 236 19.61 18.66 -26.23
CA LEU A 236 19.59 19.63 -27.31
C LEU A 236 19.28 21.07 -26.89
N GLU A 237 18.97 21.30 -25.62
CA GLU A 237 18.49 22.61 -25.16
C GLU A 237 19.64 23.60 -25.03
N ASP A 238 19.38 24.77 -25.53
CA ASP A 238 20.23 25.95 -25.34
C ASP A 238 19.64 26.85 -24.22
N SER A 239 20.14 26.68 -23.00
CA SER A 239 19.73 27.46 -21.82
C SER A 239 20.85 27.49 -20.77
N GLU A 240 20.68 28.24 -19.71
CA GLU A 240 21.72 28.33 -18.68
C GLU A 240 21.90 27.05 -17.88
N GLU A 241 20.88 26.22 -17.82
CA GLU A 241 20.92 25.06 -16.94
C GLU A 241 21.52 23.86 -17.69
N GLU A 242 21.49 23.88 -19.04
CA GLU A 242 21.97 22.78 -19.87
C GLU A 242 23.26 23.22 -20.66
N ILE A 243 23.95 22.25 -21.21
CA ILE A 243 25.24 22.47 -21.82
C ILE A 243 25.20 23.19 -23.11
N GLY A 244 24.32 22.80 -24.01
CA GLY A 244 24.17 23.47 -25.32
C GLY A 244 23.77 22.47 -26.44
N THR A 245 23.22 23.03 -27.50
CA THR A 245 22.80 22.29 -28.68
C THR A 245 23.91 21.37 -29.29
N ASN A 246 25.17 21.83 -29.29
CA ASN A 246 26.35 21.06 -29.77
C ASN A 246 26.52 19.74 -29.08
N PHE A 247 26.37 19.81 -27.76
CA PHE A 247 26.43 18.65 -26.92
C PHE A 247 25.42 17.59 -27.32
N GLY A 248 24.17 17.99 -27.48
CA GLY A 248 23.12 17.02 -27.86
C GLY A 248 23.32 16.49 -29.31
N GLU A 249 23.76 17.37 -30.21
CA GLU A 249 24.06 16.95 -31.55
C GLU A 249 25.16 15.89 -31.61
N ASP A 250 26.26 16.14 -30.91
CA ASP A 250 27.34 15.20 -30.85
C ASP A 250 26.90 13.88 -30.24
N ILE A 251 26.08 13.93 -29.15
CA ILE A 251 25.57 12.75 -28.56
C ILE A 251 24.68 11.96 -29.55
N LEU A 252 23.85 12.68 -30.26
CA LEU A 252 23.02 12.07 -31.29
C LEU A 252 23.85 11.38 -32.41
N ARG A 253 24.95 11.98 -32.83
CA ARG A 253 25.83 11.35 -33.81
C ARG A 253 26.51 10.09 -33.27
N MET A 254 26.94 10.13 -32.02
CA MET A 254 27.51 8.96 -31.40
C MET A 254 26.47 7.87 -31.21
N TYR A 255 25.21 8.22 -30.93
CA TYR A 255 24.18 7.27 -30.67
C TYR A 255 23.87 6.54 -31.97
N GLY A 256 23.82 7.28 -33.07
CA GLY A 256 23.56 6.80 -34.40
C GLY A 256 22.13 6.39 -34.75
N ASN A 257 21.84 6.24 -36.00
CA ASN A 257 20.57 5.69 -36.44
C ASN A 257 19.40 6.47 -35.94
N ILE A 258 19.51 7.79 -36.04
CA ILE A 258 18.41 8.64 -35.63
C ILE A 258 18.45 9.92 -36.39
N ASP A 259 17.29 10.40 -36.76
CA ASP A 259 17.13 11.57 -37.55
C ASP A 259 17.27 12.82 -36.69
N ILE A 260 18.42 13.48 -36.79
CA ILE A 260 18.77 14.60 -35.93
C ILE A 260 17.80 15.77 -36.17
N GLU A 261 17.38 16.01 -37.40
CA GLU A 261 16.47 17.09 -37.64
C GLU A 261 15.10 16.86 -36.96
N LYS A 262 14.64 15.62 -36.91
CA LYS A 262 13.41 15.35 -36.20
C LYS A 262 13.58 15.40 -34.72
N ALA A 263 14.73 14.99 -34.19
CA ALA A 263 14.98 15.20 -32.78
C ALA A 263 14.87 16.64 -32.43
N LYS A 264 15.45 17.53 -33.27
CA LYS A 264 15.36 18.94 -32.98
C LYS A 264 13.92 19.45 -33.13
N GLU A 265 13.18 18.96 -34.11
CA GLU A 265 11.79 19.36 -34.24
C GLU A 265 11.00 18.92 -32.98
N TYR A 266 11.23 17.70 -32.49
CA TYR A 266 10.57 17.22 -31.29
C TYR A 266 10.86 18.13 -30.12
N GLN A 267 12.13 18.47 -29.92
CA GLN A 267 12.50 19.41 -28.87
C GLN A 267 11.79 20.75 -28.98
N ASP A 268 11.71 21.26 -30.23
CA ASP A 268 11.14 22.57 -30.48
C ASP A 268 9.60 22.60 -30.20
N ILE A 269 8.91 21.52 -30.52
CA ILE A 269 7.50 21.38 -30.25
C ILE A 269 7.25 21.27 -28.73
N VAL A 270 8.06 20.50 -28.00
CA VAL A 270 7.90 20.40 -26.57
C VAL A 270 8.17 21.73 -25.94
N GLU A 271 9.15 22.48 -26.45
CA GLU A 271 9.45 23.79 -25.89
C GLU A 271 8.24 24.73 -26.14
N GLU A 272 7.61 24.69 -27.31
CA GLU A 272 6.51 25.57 -27.59
C GLU A 272 5.32 25.22 -26.71
N TYR A 273 5.17 23.93 -26.37
CA TYR A 273 4.11 23.48 -25.52
C TYR A 273 4.21 23.95 -24.06
N TYR A 274 5.39 24.29 -23.59
CA TYR A 274 5.62 24.50 -22.21
C TYR A 274 4.67 25.49 -21.48
N PRO A 275 4.43 26.67 -22.00
CA PRO A 275 3.42 27.49 -21.39
C PRO A 275 2.01 26.86 -21.22
N ILE A 276 1.59 26.06 -22.21
CA ILE A 276 0.30 25.43 -22.22
C ILE A 276 0.35 24.34 -21.13
N GLU A 277 1.41 23.56 -21.12
CA GLU A 277 1.66 22.53 -20.07
C GLU A 277 1.57 23.16 -18.66
N THR A 278 2.10 24.37 -18.50
CA THR A 278 2.09 25.08 -17.26
C THR A 278 0.61 25.42 -16.91
N ILE A 279 -0.14 25.96 -17.86
CA ILE A 279 -1.53 26.34 -17.62
C ILE A 279 -2.34 25.10 -17.18
N VAL A 280 -2.16 24.01 -17.88
CA VAL A 280 -2.86 22.76 -17.63
C VAL A 280 -2.53 22.20 -16.27
N TYR A 281 -1.26 22.28 -15.86
CA TYR A 281 -0.87 21.88 -14.52
C TYR A 281 -1.68 22.66 -13.46
N GLY A 282 -1.82 23.96 -13.70
CA GLY A 282 -2.60 24.81 -12.84
C GLY A 282 -4.10 24.46 -12.76
N ILE A 283 -4.67 24.06 -13.87
CA ILE A 283 -6.08 23.70 -13.92
C ILE A 283 -6.23 22.40 -13.12
N LYS A 284 -5.41 21.40 -13.44
CA LYS A 284 -5.55 20.08 -12.85
C LYS A 284 -5.29 20.07 -11.34
N ASN A 285 -4.42 20.93 -10.83
CA ASN A 285 -4.01 20.94 -9.44
C ASN A 285 -4.55 22.16 -8.72
N ILE A 286 -5.50 22.85 -9.34
CA ILE A 286 -6.17 24.00 -8.74
C ILE A 286 -5.13 24.97 -8.17
N LYS A 287 -4.14 25.36 -8.99
CA LYS A 287 -3.17 26.37 -8.64
C LYS A 287 -3.14 27.52 -9.66
N GLN A 288 -3.87 28.58 -9.35
CA GLN A 288 -4.01 29.78 -10.17
C GLN A 288 -2.67 30.37 -10.61
N GLU A 289 -1.69 30.36 -9.72
CA GLU A 289 -0.34 30.86 -9.97
C GLU A 289 0.29 30.25 -11.28
N PHE A 290 0.08 28.95 -11.51
CA PHE A 290 0.57 28.33 -12.71
C PHE A 290 -0.21 28.73 -13.94
N ILE A 291 -1.52 28.92 -13.78
CA ILE A 291 -2.34 29.37 -14.90
C ILE A 291 -1.86 30.75 -15.33
N GLU A 292 -1.67 31.64 -14.37
CA GLU A 292 -1.16 32.97 -14.63
C GLU A 292 0.27 32.94 -15.23
N ASN A 293 1.19 32.13 -14.71
CA ASN A 293 2.56 32.06 -15.23
C ASN A 293 2.61 31.59 -16.71
N GLY A 294 1.81 30.64 -17.05
CA GLY A 294 1.73 30.15 -18.40
C GLY A 294 1.20 31.18 -19.40
N ARG A 295 0.16 31.88 -19.01
CA ARG A 295 -0.46 32.89 -19.84
C ARG A 295 0.53 34.06 -20.07
N LYS A 296 1.18 34.51 -19.01
CA LYS A 296 2.22 35.52 -19.12
C LYS A 296 3.36 35.07 -20.05
N GLU A 297 3.76 33.81 -19.92
CA GLU A 297 4.83 33.25 -20.73
C GLU A 297 4.47 33.27 -22.23
N ILE A 298 3.20 33.05 -22.54
CA ILE A 298 2.70 33.21 -23.87
C ILE A 298 2.95 34.63 -24.44
N TYR A 299 2.70 35.66 -23.65
CA TYR A 299 3.02 37.05 -24.04
C TYR A 299 4.49 37.26 -24.18
N LYS A 300 5.30 36.74 -23.29
CA LYS A 300 6.76 36.91 -23.43
C LYS A 300 7.26 36.25 -24.71
N ARG A 301 6.79 35.07 -25.01
CA ARG A 301 7.19 34.38 -26.23
C ARG A 301 6.66 35.11 -27.51
N THR A 302 5.42 35.64 -27.47
CA THR A 302 4.85 36.30 -28.63
C THR A 302 5.60 37.59 -28.95
N TYR A 303 6.17 38.29 -27.97
CA TYR A 303 6.75 39.59 -28.14
C TYR A 303 8.26 39.57 -28.25
N LYS A 304 8.87 38.39 -28.15
CA LYS A 304 10.33 38.29 -28.16
C LYS A 304 10.75 38.62 -29.59
N ASP A 305 10.01 38.04 -30.54
CA ASP A 305 9.94 38.47 -31.95
C ASP A 305 8.46 38.18 -32.29
N TYR B 5 10.61 24.56 -3.30
CA TYR B 5 10.30 24.40 -1.84
C TYR B 5 9.39 25.52 -1.20
N ASP B 6 8.29 25.06 -0.56
CA ASP B 6 7.55 25.84 0.45
C ASP B 6 7.47 24.98 1.78
N ASP B 7 8.27 25.32 2.80
CA ASP B 7 8.23 24.65 4.15
C ASP B 7 6.77 24.62 4.67
N ASN B 8 6.07 25.77 4.54
CA ASN B 8 4.63 25.93 4.85
C ASN B 8 3.75 24.86 4.21
N ALA B 9 3.65 24.78 2.86
CA ALA B 9 2.78 23.79 2.13
C ALA B 9 3.08 22.33 2.52
N THR B 10 4.35 21.99 2.82
CA THR B 10 4.73 20.58 3.08
C THR B 10 4.37 20.04 4.48
N ASN B 11 4.53 20.90 5.50
CA ASN B 11 4.22 20.52 6.93
C ASN B 11 2.79 20.20 7.04
N VAL B 12 2.04 21.08 6.43
CA VAL B 12 0.63 21.01 6.37
C VAL B 12 0.18 19.68 5.70
N LYS B 13 0.83 19.25 4.63
CA LYS B 13 0.43 18.01 3.94
C LYS B 13 0.69 16.81 4.82
N ALA B 14 1.88 16.79 5.43
CA ALA B 14 2.22 15.71 6.35
C ALA B 14 1.23 15.64 7.54
N MET B 15 0.89 16.79 8.09
CA MET B 15 0.02 16.81 9.23
C MET B 15 -1.43 16.49 8.85
N LYS B 16 -1.88 16.96 7.65
CA LYS B 16 -3.18 16.55 7.11
C LYS B 16 -3.25 15.04 7.03
N TYR B 17 -2.21 14.44 6.47
CA TYR B 17 -2.15 13.02 6.38
C TYR B 17 -2.25 12.35 7.75
N LEU B 18 -1.49 12.80 8.73
CA LEU B 18 -1.50 12.17 10.07
C LEU B 18 -2.86 12.29 10.80
N ILE B 19 -3.48 13.45 10.70
CA ILE B 19 -4.80 13.64 11.27
C ILE B 19 -5.81 12.65 10.66
N GLU B 20 -5.82 12.54 9.34
CA GLU B 20 -6.77 11.64 8.68
C GLU B 20 -6.43 10.18 8.90
N HIS B 21 -5.17 9.87 9.21
CA HIS B 21 -4.75 8.49 9.40
C HIS B 21 -5.14 8.04 10.79
N TYR B 22 -4.87 8.86 11.80
CA TYR B 22 -5.11 8.50 13.21
C TYR B 22 -6.55 8.70 13.69
N PHE B 23 -7.27 9.64 13.07
CA PHE B 23 -8.68 9.92 13.42
C PHE B 23 -9.58 9.58 12.23
N ASP B 24 -10.03 8.34 12.20
CA ASP B 24 -10.44 7.73 10.90
C ASP B 24 -11.63 8.38 10.21
N ASN B 25 -12.60 9.02 10.87
CA ASN B 25 -13.58 9.69 10.07
C ASN B 25 -13.38 11.20 9.99
N PHE B 26 -12.19 11.68 10.27
CA PHE B 26 -11.96 13.11 10.26
C PHE B 26 -11.50 13.59 8.91
N LYS B 27 -12.19 14.55 8.32
CA LYS B 27 -11.81 15.10 7.03
C LYS B 27 -11.25 16.48 7.13
N VAL B 28 -10.03 16.65 6.64
CA VAL B 28 -9.40 17.94 6.62
C VAL B 28 -9.77 18.64 5.32
N ASP B 29 -10.62 19.65 5.41
CA ASP B 29 -10.98 20.53 4.28
C ASP B 29 -10.02 21.70 4.20
N SER B 30 -9.52 22.18 5.33
CA SER B 30 -8.45 23.18 5.34
C SER B 30 -7.57 23.00 6.58
N ILE B 31 -6.33 23.50 6.49
CA ILE B 31 -5.38 23.37 7.55
C ILE B 31 -4.28 24.42 7.41
N GLU B 32 -3.99 25.17 8.47
CA GLU B 32 -2.91 26.13 8.44
C GLU B 32 -2.18 26.16 9.79
N ILE B 33 -0.92 26.55 9.77
CA ILE B 33 -0.09 26.66 10.95
C ILE B 33 -0.49 27.92 11.73
N ILE B 34 -0.86 27.78 12.98
CA ILE B 34 -1.26 28.91 13.80
C ILE B 34 -0.20 29.22 14.85
N GLY B 35 0.71 28.30 15.11
CA GLY B 35 1.85 28.61 15.98
C GLY B 35 2.82 27.45 16.12
N SER B 36 3.96 27.81 16.73
CA SER B 36 5.16 26.98 16.70
C SER B 36 6.01 27.22 17.91
N GLY B 37 5.97 26.27 18.84
CA GLY B 37 7.03 26.15 19.84
C GLY B 37 8.34 25.68 19.19
N TYR B 38 9.33 25.36 20.00
CA TYR B 38 10.57 24.88 19.40
C TYR B 38 10.54 23.37 19.06
N ASP B 39 9.60 22.63 19.65
CA ASP B 39 9.48 21.21 19.32
C ASP B 39 7.98 20.77 19.34
N SER B 40 7.12 21.72 18.95
CA SER B 40 5.69 21.42 18.72
C SER B 40 5.15 22.36 17.61
N VAL B 41 4.10 21.90 16.96
CA VAL B 41 3.40 22.80 16.09
C VAL B 41 1.93 22.71 16.30
N ALA B 42 1.30 23.87 16.25
CA ALA B 42 -0.16 23.92 16.32
C ALA B 42 -0.81 24.35 14.99
N TYR B 43 -1.93 23.71 14.66
CA TYR B 43 -2.63 23.89 13.38
C TYR B 43 -4.09 24.25 13.65
N LEU B 44 -4.62 25.19 12.86
CA LEU B 44 -6.09 25.41 12.74
C LEU B 44 -6.64 24.62 11.56
N VAL B 45 -7.59 23.76 11.83
CA VAL B 45 -8.12 22.80 10.89
C VAL B 45 -9.62 23.08 10.74
N ASN B 46 -10.08 23.16 9.48
CA ASN B 46 -11.49 23.41 9.14
C ASN B 46 -12.04 24.70 9.76
N ASN B 47 -11.18 25.67 9.97
CA ASN B 47 -11.50 26.90 10.70
C ASN B 47 -12.21 26.75 12.04
N GLU B 48 -11.96 25.64 12.70
CA GLU B 48 -12.74 25.21 13.82
C GLU B 48 -11.93 24.44 14.92
N TYR B 49 -10.93 23.64 14.53
CA TYR B 49 -10.21 22.81 15.46
C TYR B 49 -8.78 23.24 15.57
N ILE B 50 -8.26 23.24 16.82
CA ILE B 50 -6.81 23.33 17.02
C ILE B 50 -6.32 21.88 17.10
N PHE B 51 -5.28 21.57 16.34
CA PHE B 51 -4.55 20.33 16.50
C PHE B 51 -3.14 20.66 16.84
N LYS B 52 -2.73 20.25 18.06
CA LYS B 52 -1.39 20.45 18.59
C LYS B 52 -0.64 19.18 18.29
N THR B 53 0.59 19.27 17.85
CA THR B 53 1.35 18.02 17.64
C THR B 53 2.77 18.12 18.08
N LYS B 54 3.32 16.99 18.47
CA LYS B 54 4.70 16.91 18.94
C LYS B 54 5.25 15.53 18.55
N PHE B 55 6.45 15.49 18.07
CA PHE B 55 7.23 14.20 17.90
C PHE B 55 8.21 14.06 19.06
N SER B 56 8.84 12.93 19.38
CA SER B 56 9.79 13.00 20.57
C SER B 56 10.62 11.75 20.85
N LYS B 61 7.86 12.71 27.88
CA LYS B 61 8.05 13.95 27.11
C LYS B 61 6.98 14.12 25.94
N GLY B 62 5.85 13.39 25.99
CA GLY B 62 4.56 13.77 25.26
C GLY B 62 3.36 14.49 26.05
N TYR B 63 2.23 14.41 25.40
CA TYR B 63 0.99 15.04 25.76
C TYR B 63 0.07 14.27 26.70
N ALA B 64 0.52 13.15 27.24
CA ALA B 64 -0.29 12.40 28.19
C ALA B 64 -0.72 13.23 29.41
N LYS B 65 0.23 13.89 30.07
CA LYS B 65 -0.08 14.73 31.26
C LYS B 65 -0.97 15.90 30.89
N GLU B 66 -0.69 16.52 29.77
CA GLU B 66 -1.47 17.69 29.41
C GLU B 66 -2.94 17.28 29.19
N LYS B 67 -3.14 16.13 28.51
CA LYS B 67 -4.45 15.57 28.30
C LYS B 67 -5.17 15.25 29.62
N ALA B 68 -4.47 14.56 30.56
CA ALA B 68 -5.03 14.29 31.84
C ALA B 68 -5.45 15.57 32.59
N ILE B 69 -4.71 16.65 32.39
CA ILE B 69 -5.02 17.90 33.05
C ILE B 69 -6.24 18.56 32.43
N TYR B 70 -6.33 18.59 31.09
CA TYR B 70 -7.56 19.07 30.47
C TYR B 70 -8.77 18.26 30.93
N ASN B 71 -8.64 16.93 31.05
CA ASN B 71 -9.76 16.12 31.41
C ASN B 71 -10.17 16.46 32.89
N PHE B 72 -9.18 16.54 33.77
CA PHE B 72 -9.41 16.81 35.16
C PHE B 72 -10.06 18.19 35.37
N LEU B 73 -9.55 19.20 34.66
CA LEU B 73 -10.08 20.54 34.81
C LEU B 73 -11.51 20.66 34.21
N ASN B 74 -11.78 19.98 33.08
CA ASN B 74 -13.08 20.08 32.45
C ASN B 74 -14.14 19.39 33.33
N THR B 75 -13.75 18.33 34.04
CA THR B 75 -14.56 17.70 35.05
C THR B 75 -14.75 18.56 36.35
N ASN B 76 -13.75 19.24 36.85
CA ASN B 76 -13.82 19.73 38.21
C ASN B 76 -13.91 21.26 38.30
N LEU B 77 -13.48 22.02 37.32
CA LEU B 77 -13.64 23.49 37.40
C LEU B 77 -15.05 23.95 37.19
N GLU B 78 -15.49 24.96 37.88
CA GLU B 78 -16.78 25.63 37.63
C GLU B 78 -16.45 27.08 37.30
N THR B 79 -16.50 27.44 36.03
CA THR B 79 -16.03 28.71 35.58
C THR B 79 -16.67 28.98 34.23
N ASN B 80 -16.85 30.23 33.86
CA ASN B 80 -17.22 30.53 32.51
C ASN B 80 -16.03 30.65 31.60
N VAL B 81 -14.82 30.60 32.15
CA VAL B 81 -13.62 30.71 31.32
C VAL B 81 -13.39 29.39 30.63
N LYS B 82 -13.20 29.43 29.30
CA LYS B 82 -13.03 28.19 28.52
C LYS B 82 -11.56 27.75 28.50
N ILE B 83 -11.39 26.46 28.56
CA ILE B 83 -10.14 25.84 28.34
C ILE B 83 -10.28 24.74 27.29
N PRO B 84 -9.17 24.29 26.72
CA PRO B 84 -9.29 23.25 25.71
C PRO B 84 -10.05 22.03 26.22
N ASN B 85 -10.95 21.52 25.41
CA ASN B 85 -11.67 20.31 25.73
C ASN B 85 -11.37 19.26 24.64
N ILE B 86 -10.61 18.24 25.03
CA ILE B 86 -10.01 17.37 24.07
C ILE B 86 -10.99 16.38 23.50
N GLU B 87 -11.21 16.47 22.18
CA GLU B 87 -12.04 15.52 21.43
C GLU B 87 -11.22 14.48 20.70
N TYR B 88 -9.98 14.75 20.32
CA TYR B 88 -9.16 13.82 19.56
C TYR B 88 -7.79 13.78 20.17
N SER B 89 -7.29 12.59 20.38
CA SER B 89 -5.98 12.42 20.94
C SER B 89 -5.38 11.12 20.42
N TYR B 90 -4.07 11.18 20.16
CA TYR B 90 -3.24 10.06 19.85
C TYR B 90 -1.93 10.29 20.59
N ILE B 91 -1.59 9.34 21.47
CA ILE B 91 -0.40 9.47 22.28
C ILE B 91 0.45 8.24 22.14
N SER B 92 1.72 8.44 21.80
CA SER B 92 2.70 7.35 21.59
C SER B 92 4.04 7.98 21.89
N ASP B 93 5.06 7.13 22.03
CA ASP B 93 6.40 7.63 22.34
C ASP B 93 6.88 8.61 21.31
N GLU B 94 6.66 8.26 20.04
CA GLU B 94 7.22 9.02 18.93
C GLU B 94 6.34 10.18 18.46
N LEU B 95 5.04 10.20 18.81
CA LEU B 95 4.13 11.20 18.27
C LEU B 95 2.96 11.43 19.18
N SER B 96 2.60 12.68 19.44
CA SER B 96 1.40 12.98 20.16
C SER B 96 0.62 14.04 19.46
N ILE B 97 -0.70 13.88 19.41
CA ILE B 97 -1.57 14.83 18.80
C ILE B 97 -2.77 15.08 19.71
N LEU B 98 -3.17 16.33 19.91
CA LEU B 98 -4.37 16.69 20.67
C LEU B 98 -5.21 17.59 19.83
N GLY B 99 -6.51 17.30 19.75
CA GLY B 99 -7.41 18.11 18.95
C GLY B 99 -8.60 18.60 19.81
N TYR B 100 -8.96 19.87 19.65
CA TYR B 100 -10.04 20.44 20.42
C TYR B 100 -10.54 21.63 19.62
N LYS B 101 -11.79 22.04 19.86
CA LYS B 101 -12.33 23.21 19.22
C LYS B 101 -11.63 24.47 19.69
N GLU B 102 -11.30 25.29 18.70
CA GLU B 102 -10.64 26.56 18.93
C GLU B 102 -11.46 27.41 19.88
N ILE B 103 -10.83 27.93 20.91
CA ILE B 103 -11.49 28.97 21.75
C ILE B 103 -11.30 30.25 21.02
N LYS B 104 -12.39 30.95 20.79
CA LYS B 104 -12.39 32.20 20.01
C LYS B 104 -12.15 33.39 20.95
N GLY B 105 -11.46 34.39 20.44
CA GLY B 105 -11.02 35.49 21.20
C GLY B 105 -9.74 36.08 20.65
N THR B 106 -9.26 37.12 21.33
CA THR B 106 -8.07 37.90 20.98
C THR B 106 -7.12 37.73 22.19
N PHE B 107 -5.87 37.37 21.92
CA PHE B 107 -4.86 37.27 22.99
C PHE B 107 -4.58 38.62 23.61
N LEU B 108 -4.52 38.63 24.94
CA LEU B 108 -4.11 39.80 25.70
C LEU B 108 -2.71 40.20 25.33
N THR B 109 -2.47 41.49 25.20
CA THR B 109 -1.15 42.05 24.95
C THR B 109 -1.06 43.31 25.78
N PRO B 110 0.16 43.78 26.07
CA PRO B 110 0.30 45.13 26.66
C PRO B 110 -0.47 46.23 25.93
N GLU B 111 -0.41 46.23 24.60
CA GLU B 111 -1.04 47.25 23.81
C GLU B 111 -2.57 47.24 24.04
N ILE B 112 -3.18 46.07 24.00
CA ILE B 112 -4.61 45.96 24.22
C ILE B 112 -5.01 46.40 25.64
N TYR B 113 -4.25 45.98 26.62
CA TYR B 113 -4.50 46.36 28.00
C TYR B 113 -4.52 47.86 28.18
N SER B 114 -3.59 48.55 27.54
CA SER B 114 -3.47 49.99 27.69
C SER B 114 -4.66 50.71 27.04
N THR B 115 -5.34 50.09 26.05
CA THR B 115 -6.59 50.66 25.50
C THR B 115 -7.86 50.32 26.36
N MET B 116 -7.75 49.44 27.35
CA MET B 116 -8.90 49.11 28.19
C MET B 116 -9.17 50.28 29.14
N SER B 117 -10.45 50.52 29.45
CA SER B 117 -10.81 51.46 30.50
C SER B 117 -10.32 50.93 31.84
N GLU B 118 -10.27 51.84 32.81
CA GLU B 118 -9.85 51.43 34.15
C GLU B 118 -10.74 50.30 34.72
N GLU B 119 -12.04 50.41 34.43
CA GLU B 119 -13.02 49.42 34.89
C GLU B 119 -12.81 48.06 34.20
N GLU B 120 -12.54 48.06 32.89
CA GLU B 120 -12.18 46.83 32.18
C GLU B 120 -10.89 46.20 32.71
N GLN B 121 -9.92 47.03 33.06
CA GLN B 121 -8.69 46.50 33.61
C GLN B 121 -8.96 45.82 34.95
N ASN B 122 -9.72 46.48 35.81
CA ASN B 122 -10.04 45.96 37.16
C ASN B 122 -10.83 44.61 36.98
N LEU B 123 -11.76 44.53 36.04
CA LEU B 123 -12.51 43.30 35.85
C LEU B 123 -11.57 42.16 35.36
N LEU B 124 -10.66 42.46 34.47
CA LEU B 124 -9.68 41.47 34.03
C LEU B 124 -8.83 40.98 35.18
N LYS B 125 -8.35 41.87 36.03
CA LYS B 125 -7.57 41.44 37.17
C LYS B 125 -8.38 40.53 38.09
N ARG B 126 -9.63 40.90 38.34
CA ARG B 126 -10.52 40.11 39.17
C ARG B 126 -10.79 38.75 38.56
N ASP B 127 -11.02 38.72 37.25
CA ASP B 127 -11.28 37.48 36.58
C ASP B 127 -10.07 36.60 36.69
N ILE B 128 -8.85 37.16 36.53
CA ILE B 128 -7.67 36.31 36.59
C ILE B 128 -7.52 35.76 38.02
N ALA B 129 -7.60 36.62 39.01
CA ALA B 129 -7.46 36.22 40.40
C ALA B 129 -8.46 35.11 40.75
N SER B 130 -9.68 35.28 40.27
CA SER B 130 -10.71 34.36 40.59
C SER B 130 -10.46 32.96 39.92
N PHE B 131 -10.02 32.98 38.66
CA PHE B 131 -9.72 31.75 37.96
C PHE B 131 -8.58 30.98 38.70
N LEU B 132 -7.52 31.70 39.02
CA LEU B 132 -6.41 31.10 39.73
C LEU B 132 -6.80 30.60 41.12
N ARG B 133 -7.67 31.31 41.83
CA ARG B 133 -8.06 30.89 43.19
CA ARG B 133 -8.06 30.89 43.19
C ARG B 133 -8.81 29.55 43.04
N GLN B 134 -9.68 29.47 42.07
CA GLN B 134 -10.42 28.27 41.86
C GLN B 134 -9.52 27.09 41.44
N MET B 135 -8.63 27.28 40.49
CA MET B 135 -7.75 26.18 40.05
C MET B 135 -6.80 25.74 41.16
N HIS B 136 -6.18 26.71 41.82
CA HIS B 136 -5.25 26.40 42.91
C HIS B 136 -5.91 25.76 44.12
N GLY B 137 -7.24 25.92 44.29
CA GLY B 137 -7.95 25.32 45.39
C GLY B 137 -8.45 23.89 45.08
N LEU B 138 -8.27 23.35 43.87
CA LEU B 138 -8.82 22.08 43.57
C LEU B 138 -8.06 21.01 44.32
N ASP B 139 -8.81 20.01 44.79
CA ASP B 139 -8.25 18.78 45.31
C ASP B 139 -7.63 18.06 44.09
N TYR B 140 -6.34 17.80 44.13
CA TYR B 140 -5.62 17.25 42.95
C TYR B 140 -5.26 15.76 43.07
N THR B 141 -5.97 15.05 43.94
CA THR B 141 -5.72 13.62 44.18
C THR B 141 -5.78 12.84 42.89
N ASP B 142 -6.73 13.16 42.05
CA ASP B 142 -6.98 12.40 40.82
C ASP B 142 -5.91 12.64 39.70
N ILE B 143 -5.05 13.61 39.84
CA ILE B 143 -3.92 13.81 38.94
C ILE B 143 -2.62 13.86 39.71
N SER B 144 -2.54 13.09 40.79
CA SER B 144 -1.48 13.26 41.76
C SER B 144 -0.09 12.84 41.25
N GLU B 145 -0.05 12.08 40.16
CA GLU B 145 1.18 11.75 39.43
C GLU B 145 1.79 12.96 38.71
N CYS B 146 1.03 14.03 38.44
CA CYS B 146 1.48 15.17 37.66
C CYS B 146 2.24 16.24 38.48
N THR B 147 3.11 15.83 39.37
CA THR B 147 3.88 16.72 40.21
C THR B 147 5.06 17.21 39.45
N ILE B 148 5.52 18.37 39.83
CA ILE B 148 6.73 18.93 39.26
C ILE B 148 7.51 19.54 40.37
N ASP B 149 8.80 19.15 40.45
CA ASP B 149 9.72 19.61 41.48
C ASP B 149 10.79 20.49 40.77
N ASN B 150 10.61 21.80 40.79
CA ASN B 150 11.54 22.68 40.08
C ASN B 150 13.00 22.61 40.60
N LYS B 151 13.16 22.56 41.91
CA LYS B 151 14.51 22.47 42.44
C LYS B 151 15.25 21.19 41.99
N GLN B 152 14.57 20.06 42.09
CA GLN B 152 15.10 18.80 41.63
C GLN B 152 15.40 18.79 40.12
N ASN B 153 14.55 19.40 39.31
CA ASN B 153 14.76 19.47 37.89
C ASN B 153 16.07 20.24 37.60
N VAL B 154 16.26 21.35 38.28
CA VAL B 154 17.49 22.16 38.14
C VAL B 154 18.70 21.34 38.52
N LEU B 155 18.62 20.60 39.61
CA LEU B 155 19.71 19.75 40.03
C LEU B 155 20.05 18.73 38.94
N GLU B 156 19.07 18.09 38.34
CA GLU B 156 19.32 17.14 37.26
C GLU B 156 19.90 17.80 36.02
N GLU B 157 19.47 19.02 35.74
CA GLU B 157 20.04 19.77 34.63
C GLU B 157 21.51 20.17 34.89
N TYR B 158 21.83 20.48 36.12
CA TYR B 158 23.18 20.86 36.53
C TYR B 158 24.05 19.63 36.43
N ILE B 159 23.55 18.47 36.82
CA ILE B 159 24.34 17.27 36.66
C ILE B 159 24.64 16.99 35.18
N LEU B 160 23.64 17.19 34.31
CA LEU B 160 23.88 17.09 32.88
C LEU B 160 24.99 18.02 32.39
N LEU B 161 24.98 19.26 32.84
CA LEU B 161 26.05 20.20 32.52
C LEU B 161 27.39 19.64 32.94
N ARG B 162 27.48 19.17 34.18
CA ARG B 162 28.72 18.60 34.68
C ARG B 162 29.19 17.42 33.85
N GLU B 163 28.27 16.64 33.33
CA GLU B 163 28.54 15.50 32.49
C GLU B 163 28.94 15.84 31.06
N THR B 164 28.68 17.07 30.61
CA THR B 164 28.84 17.41 29.18
C THR B 164 29.82 18.55 29.05
N ILE B 165 29.34 19.75 29.09
CA ILE B 165 30.18 20.91 28.73
C ILE B 165 30.78 21.73 29.86
N TYR B 166 30.45 21.45 31.11
CA TYR B 166 30.81 22.36 32.21
C TYR B 166 32.27 22.66 32.23
N ASN B 167 33.11 21.65 32.05
CA ASN B 167 34.56 21.82 32.11
C ASN B 167 35.12 22.74 31.01
N ASP B 168 34.43 22.88 29.89
CA ASP B 168 34.81 23.78 28.83
C ASP B 168 34.28 25.22 29.02
N LEU B 169 33.49 25.50 30.07
CA LEU B 169 32.92 26.82 30.26
C LEU B 169 34.00 27.77 30.76
N THR B 170 33.85 29.07 30.53
CA THR B 170 34.77 30.05 31.11
C THR B 170 34.54 30.23 32.63
N ASP B 171 35.47 30.89 33.30
CA ASP B 171 35.27 31.23 34.68
C ASP B 171 34.03 32.11 34.92
N ILE B 172 33.78 33.08 34.07
CA ILE B 172 32.59 33.92 34.15
C ILE B 172 31.30 33.09 34.06
N GLU B 173 31.27 32.11 33.16
CA GLU B 173 30.12 31.29 32.99
C GLU B 173 29.95 30.38 34.17
N LYS B 174 31.02 29.72 34.59
CA LYS B 174 30.97 28.89 35.80
C LYS B 174 30.54 29.67 37.03
N ASP B 175 31.05 30.88 37.24
CA ASP B 175 30.64 31.65 38.37
C ASP B 175 29.16 32.00 38.34
N TYR B 176 28.61 32.28 37.16
CA TYR B 176 27.18 32.62 37.05
C TYR B 176 26.39 31.41 37.50
N ILE B 177 26.77 30.23 37.00
CA ILE B 177 26.05 29.01 37.29
C ILE B 177 26.14 28.65 38.79
N GLU B 178 27.33 28.70 39.36
CA GLU B 178 27.55 28.35 40.77
C GLU B 178 26.85 29.31 41.68
N SER B 179 26.85 30.55 41.32
CA SER B 179 26.19 31.56 42.08
C SER B 179 24.63 31.33 42.10
N PHE B 180 24.08 30.91 40.96
CA PHE B 180 22.71 30.48 40.89
C PHE B 180 22.46 29.25 41.81
N MET B 181 23.32 28.23 41.73
CA MET B 181 23.17 27.02 42.53
C MET B 181 23.25 27.31 44.01
N GLU B 182 24.08 28.24 44.42
CA GLU B 182 24.14 28.66 45.83
C GLU B 182 22.79 29.28 46.26
N ARG B 183 22.25 30.13 45.42
CA ARG B 183 21.00 30.78 45.73
C ARG B 183 19.84 29.74 45.76
N LEU B 184 19.84 28.81 44.82
CA LEU B 184 18.88 27.73 44.83
C LEU B 184 18.88 26.93 46.10
N ASN B 185 20.07 26.68 46.64
CA ASN B 185 20.24 25.95 47.89
C ASN B 185 19.88 26.73 49.11
N ALA B 186 19.99 28.06 49.08
CA ALA B 186 19.63 28.88 50.29
C ALA B 186 18.19 29.30 50.27
N THR B 187 17.51 29.33 49.13
CA THR B 187 16.15 29.92 49.12
C THR B 187 15.15 29.07 49.85
N THR B 188 14.16 29.74 50.42
CA THR B 188 13.00 29.07 51.00
C THR B 188 11.77 29.13 50.12
N VAL B 189 11.85 29.63 48.93
CA VAL B 189 10.62 29.80 48.14
C VAL B 189 9.99 28.52 47.62
N PHE B 190 10.65 27.39 47.76
CA PHE B 190 10.05 26.09 47.38
C PHE B 190 9.32 25.43 48.58
N GLU B 191 9.21 26.07 49.73
CA GLU B 191 8.67 25.40 50.88
C GLU B 191 7.25 25.81 51.20
N GLY B 192 6.53 26.47 50.29
CA GLY B 192 5.18 26.85 50.57
C GLY B 192 4.16 25.89 49.98
N LYS B 193 2.94 26.38 49.83
CA LYS B 193 1.84 25.64 49.31
C LYS B 193 2.11 25.13 47.85
N LYS B 194 1.72 23.86 47.65
CA LYS B 194 1.74 23.20 46.39
C LYS B 194 0.31 23.05 45.89
N CYS B 195 0.08 23.16 44.59
CA CYS B 195 -1.24 23.03 44.02
C CYS B 195 -1.11 22.93 42.53
N LEU B 196 -2.22 22.62 41.88
CA LEU B 196 -2.23 22.55 40.41
C LEU B 196 -2.07 23.95 39.84
N CYS B 197 -1.02 24.19 39.03
CA CYS B 197 -0.83 25.46 38.42
C CYS B 197 -0.76 25.31 36.92
N HIS B 198 -1.15 26.36 36.22
CA HIS B 198 -1.03 26.42 34.78
C HIS B 198 0.46 26.31 34.36
N ASN B 199 1.28 27.11 35.03
CA ASN B 199 2.73 27.05 34.94
C ASN B 199 3.34 27.63 33.68
N ASP B 200 2.55 28.31 32.88
CA ASP B 200 3.10 29.17 31.84
C ASP B 200 2.09 30.31 31.61
N PHE B 201 1.74 30.98 32.70
CA PHE B 201 0.54 31.80 32.73
C PHE B 201 0.89 33.23 32.39
N ASN B 202 0.85 33.56 31.12
CA ASN B 202 1.28 34.83 30.64
C ASN B 202 0.30 35.31 29.57
N CYS B 203 0.49 36.52 29.10
CA CYS B 203 -0.33 37.14 28.07
C CYS B 203 -0.71 36.27 26.87
N ASN B 204 0.27 35.60 26.30
CA ASN B 204 0.07 34.73 25.15
C ASN B 204 -0.90 33.57 25.32
N HIS B 205 -1.25 33.28 26.54
CA HIS B 205 -2.17 32.20 26.81
C HIS B 205 -3.51 32.64 27.31
N LEU B 206 -3.74 33.94 27.33
CA LEU B 206 -4.98 34.50 27.85
C LEU B 206 -5.80 35.11 26.72
N LEU B 207 -7.03 34.64 26.58
CA LEU B 207 -7.93 35.12 25.50
C LEU B 207 -9.01 36.04 26.07
N LEU B 208 -9.23 37.12 25.36
CA LEU B 208 -10.31 38.06 25.63
C LEU B 208 -11.44 37.95 24.62
N ASP B 209 -12.67 38.16 25.09
CA ASP B 209 -13.86 38.23 24.18
C ASP B 209 -14.02 39.64 23.69
N GLY B 210 -15.09 39.95 22.94
CA GLY B 210 -15.26 41.29 22.34
C GLY B 210 -15.53 42.40 23.32
N ASN B 211 -15.83 42.07 24.58
CA ASN B 211 -15.97 43.07 25.67
C ASN B 211 -14.70 43.16 26.60
N ASN B 212 -13.56 42.63 26.16
CA ASN B 212 -12.30 42.60 26.92
C ASN B 212 -12.37 41.89 28.26
N ARG B 213 -13.28 40.92 28.37
CA ARG B 213 -13.32 40.06 29.53
C ARG B 213 -12.52 38.80 29.15
N LEU B 214 -11.93 38.18 30.16
CA LEU B 214 -11.24 36.97 30.03
C LEU B 214 -12.25 35.90 29.63
N THR B 215 -12.00 35.27 28.51
CA THR B 215 -12.89 34.26 27.95
C THR B 215 -12.26 32.90 27.84
N GLY B 216 -10.91 32.81 27.76
CA GLY B 216 -10.25 31.53 27.61
C GLY B 216 -8.83 31.54 28.05
N ILE B 217 -8.35 30.33 28.41
CA ILE B 217 -6.98 30.07 28.80
C ILE B 217 -6.53 28.83 28.09
N ILE B 218 -5.38 28.88 27.39
CA ILE B 218 -4.87 27.78 26.61
C ILE B 218 -3.50 27.38 27.11
N ASP B 219 -3.03 26.29 26.53
CA ASP B 219 -1.70 25.72 26.74
C ASP B 219 -1.37 25.43 28.17
N PHE B 220 -1.97 24.34 28.63
CA PHE B 220 -1.62 23.80 29.92
C PHE B 220 -0.53 22.76 29.76
N GLY B 221 0.30 22.85 28.73
CA GLY B 221 1.40 21.89 28.48
C GLY B 221 2.52 21.85 29.47
N ASP B 222 2.66 22.79 30.39
CA ASP B 222 3.63 22.67 31.46
C ASP B 222 2.96 22.56 32.81
N SER B 223 1.66 22.37 32.85
CA SER B 223 0.90 22.38 34.12
C SER B 223 1.24 21.20 34.93
N GLY B 224 1.06 21.35 36.24
CA GLY B 224 1.25 20.31 37.15
C GLY B 224 1.11 20.80 38.56
N ILE B 225 1.43 19.89 39.49
CA ILE B 225 1.34 20.20 40.88
C ILE B 225 2.69 20.73 41.27
N ILE B 226 2.73 21.97 41.75
CA ILE B 226 3.99 22.74 41.87
C ILE B 226 3.70 23.89 42.79
N ASP B 227 4.71 24.69 43.09
CA ASP B 227 4.52 25.88 43.91
C ASP B 227 3.43 26.82 43.40
N GLU B 228 2.56 27.20 44.31
CA GLU B 228 1.56 28.24 44.11
C GLU B 228 2.14 29.54 43.48
N TYR B 229 3.34 29.92 43.89
CA TYR B 229 3.99 31.09 43.30
C TYR B 229 4.14 31.03 41.76
N CYS B 230 4.22 29.83 41.17
CA CYS B 230 4.49 29.64 39.71
C CYS B 230 3.58 30.43 38.85
N ASP B 231 2.32 30.54 39.21
CA ASP B 231 1.36 31.17 38.36
C ASP B 231 1.39 32.65 38.40
N PHE B 232 2.31 33.27 39.17
CA PHE B 232 2.39 34.72 39.23
C PHE B 232 3.65 35.26 38.62
N ILE B 233 4.51 34.37 38.13
CA ILE B 233 5.83 34.85 37.78
C ILE B 233 5.83 35.71 36.54
N TYR B 234 4.92 35.48 35.62
CA TYR B 234 4.87 36.27 34.37
C TYR B 234 3.98 37.50 34.58
N LEU B 235 2.96 37.37 35.39
CA LEU B 235 2.14 38.52 35.77
C LEU B 235 2.96 39.52 36.54
N LEU B 236 4.02 39.09 37.22
CA LEU B 236 4.98 40.02 37.88
C LEU B 236 6.09 40.55 37.00
N GLU B 237 6.17 40.12 35.74
CA GLU B 237 7.33 40.44 34.89
C GLU B 237 7.22 41.84 34.33
N ASP B 238 8.35 42.53 34.40
CA ASP B 238 8.50 43.85 33.75
C ASP B 238 9.28 43.68 32.42
N SER B 239 8.57 43.56 31.31
CA SER B 239 9.15 43.35 29.98
C SER B 239 8.19 43.80 28.88
N GLU B 240 8.65 43.80 27.65
CA GLU B 240 7.81 44.22 26.52
C GLU B 240 6.65 43.26 26.23
N GLU B 241 6.79 42.01 26.60
CA GLU B 241 5.83 40.99 26.22
C GLU B 241 4.71 40.90 27.26
N GLU B 242 4.97 41.34 28.49
CA GLU B 242 4.00 41.29 29.59
C GLU B 242 3.53 42.71 30.02
N ILE B 243 2.46 42.74 30.81
CA ILE B 243 1.85 43.99 31.18
C ILE B 243 2.63 44.82 32.13
N GLY B 244 3.14 44.25 33.21
CA GLY B 244 3.93 45.03 34.22
C GLY B 244 3.80 44.50 35.64
N THR B 245 4.78 44.78 36.46
CA THR B 245 4.80 44.35 37.88
C THR B 245 3.53 44.75 38.69
N ASN B 246 2.99 45.94 38.44
CA ASN B 246 1.76 46.52 39.08
C ASN B 246 0.55 45.63 38.86
N PHE B 247 0.42 45.17 37.63
CA PHE B 247 -0.61 44.23 37.24
C PHE B 247 -0.59 42.97 38.10
N GLY B 248 0.59 42.35 38.22
CA GLY B 248 0.70 41.11 39.00
C GLY B 248 0.51 41.37 40.50
N GLU B 249 1.01 42.50 40.98
CA GLU B 249 0.79 42.89 42.35
C GLU B 249 -0.67 43.05 42.68
N ASP B 250 -1.40 43.78 41.86
CA ASP B 250 -2.83 43.94 42.06
C ASP B 250 -3.55 42.59 42.03
N ILE B 251 -3.19 41.73 41.08
CA ILE B 251 -3.79 40.41 41.00
C ILE B 251 -3.49 39.60 42.27
N LEU B 252 -2.26 39.67 42.73
CA LEU B 252 -1.87 39.03 43.96
C LEU B 252 -2.67 39.53 45.20
N ARG B 253 -2.91 40.81 45.29
CA ARG B 253 -3.75 41.36 46.36
C ARG B 253 -5.20 40.89 46.28
N MET B 254 -5.77 40.84 45.09
CA MET B 254 -7.09 40.31 44.92
C MET B 254 -7.16 38.83 45.24
N TYR B 255 -6.12 38.05 44.91
CA TYR B 255 -6.13 36.63 45.13
C TYR B 255 -6.08 36.36 46.63
N GLY B 256 -5.26 37.14 47.35
CA GLY B 256 -5.10 37.08 48.79
C GLY B 256 -4.27 35.96 49.35
N ASN B 257 -3.89 36.07 50.59
CA ASN B 257 -3.29 34.99 51.34
C ASN B 257 -2.04 34.46 50.65
N ILE B 258 -1.21 35.38 50.18
CA ILE B 258 0.02 34.99 49.56
C ILE B 258 1.09 36.01 49.77
N ASP B 259 2.30 35.54 49.98
CA ASP B 259 3.41 36.37 50.31
C ASP B 259 4.00 36.94 49.03
N ILE B 260 3.74 38.23 48.81
CA ILE B 260 4.15 38.91 47.59
C ILE B 260 5.67 38.94 47.43
N GLU B 261 6.39 39.12 48.52
CA GLU B 261 7.85 39.13 48.45
C GLU B 261 8.43 37.82 48.01
N LYS B 262 7.82 36.71 48.46
CA LYS B 262 8.32 35.42 48.00
C LYS B 262 7.90 35.14 46.57
N ALA B 263 6.73 35.59 46.15
CA ALA B 263 6.38 35.49 44.73
C ALA B 263 7.40 36.18 43.88
N LYS B 264 7.84 37.37 44.31
CA LYS B 264 8.86 38.08 43.54
C LYS B 264 10.17 37.41 43.60
N GLU B 265 10.55 36.86 44.76
CA GLU B 265 11.81 36.10 44.81
C GLU B 265 11.74 34.91 43.82
N TYR B 266 10.62 34.22 43.78
CA TYR B 266 10.48 33.06 42.89
C TYR B 266 10.66 33.51 41.44
N GLN B 267 10.01 34.60 41.06
CA GLN B 267 10.15 35.15 39.74
C GLN B 267 11.61 35.49 39.40
N ASP B 268 12.31 36.08 40.37
CA ASP B 268 13.67 36.52 40.16
C ASP B 268 14.66 35.30 40.00
N ILE B 269 14.42 34.25 40.71
CA ILE B 269 15.19 33.02 40.59
C ILE B 269 14.95 32.35 39.22
N VAL B 270 13.69 32.29 38.76
CA VAL B 270 13.41 31.76 37.45
C VAL B 270 14.08 32.60 36.39
N GLU B 271 14.05 33.93 36.55
CA GLU B 271 14.66 34.80 35.58
C GLU B 271 16.20 34.59 35.55
N GLU B 272 16.83 34.42 36.70
CA GLU B 272 18.27 34.21 36.74
C GLU B 272 18.64 32.88 36.06
N TYR B 273 17.74 31.88 36.19
CA TYR B 273 17.98 30.60 35.57
C TYR B 273 17.94 30.59 34.03
N TYR B 274 17.31 31.55 33.41
CA TYR B 274 17.05 31.53 32.00
C TYR B 274 18.20 31.19 31.03
N PRO B 275 19.32 31.85 31.16
CA PRO B 275 20.45 31.44 30.32
C PRO B 275 20.90 29.99 30.49
N ILE B 276 20.83 29.48 31.72
CA ILE B 276 21.28 28.12 32.04
C ILE B 276 20.25 27.17 31.37
N GLU B 277 18.96 27.48 31.54
CA GLU B 277 17.89 26.75 30.88
C GLU B 277 18.12 26.68 29.33
N THR B 278 18.58 27.77 28.76
CA THR B 278 18.83 27.86 27.35
C THR B 278 19.99 26.91 27.00
N ILE B 279 21.08 26.95 27.76
CA ILE B 279 22.23 26.10 27.50
C ILE B 279 21.81 24.61 27.55
N VAL B 280 21.07 24.26 28.57
CA VAL B 280 20.61 22.90 28.80
C VAL B 280 19.71 22.41 27.66
N TYR B 281 18.84 23.28 27.18
CA TYR B 281 17.97 22.95 26.07
C TYR B 281 18.83 22.57 24.84
N GLY B 282 19.90 23.33 24.64
CA GLY B 282 20.85 23.06 23.57
C GLY B 282 21.58 21.74 23.68
N ILE B 283 21.94 21.36 24.89
CA ILE B 283 22.65 20.12 25.12
C ILE B 283 21.67 18.98 24.85
N LYS B 284 20.48 19.03 25.45
CA LYS B 284 19.50 17.95 25.37
C LYS B 284 19.00 17.71 23.94
N ASN B 285 18.92 18.76 23.12
CA ASN B 285 18.35 18.68 21.79
C ASN B 285 19.41 18.79 20.71
N ILE B 286 20.67 18.73 21.11
CA ILE B 286 21.82 18.84 20.20
C ILE B 286 21.62 20.02 19.26
N LYS B 287 21.40 21.19 19.84
CA LYS B 287 21.31 22.46 19.09
C LYS B 287 22.33 23.48 19.60
N GLN B 288 23.50 23.50 18.96
CA GLN B 288 24.65 24.31 19.35
C GLN B 288 24.29 25.79 19.53
N GLU B 289 23.45 26.30 18.67
CA GLU B 289 22.97 27.68 18.67
C GLU B 289 22.43 28.09 20.06
N PHE B 290 21.67 27.23 20.73
CA PHE B 290 21.15 27.52 22.04
C PHE B 290 22.24 27.49 23.10
N ILE B 291 23.22 26.60 22.96
CA ILE B 291 24.31 26.56 23.89
C ILE B 291 25.08 27.90 23.78
N GLU B 292 25.40 28.30 22.56
CA GLU B 292 26.06 29.58 22.31
C GLU B 292 25.22 30.80 22.81
N ASN B 293 23.91 30.84 22.54
CA ASN B 293 23.07 31.97 22.96
C ASN B 293 23.00 32.12 24.46
N GLY B 294 22.90 31.00 25.19
CA GLY B 294 22.87 31.05 26.63
C GLY B 294 24.17 31.57 27.23
N ARG B 295 25.31 31.12 26.71
CA ARG B 295 26.59 31.49 27.21
C ARG B 295 26.82 32.98 26.98
N LYS B 296 26.52 33.47 25.77
CA LYS B 296 26.57 34.89 25.46
C LYS B 296 25.68 35.71 26.36
N GLU B 297 24.48 35.21 26.66
CA GLU B 297 23.50 35.91 27.55
C GLU B 297 24.07 36.05 28.95
N ILE B 298 24.84 35.05 29.40
CA ILE B 298 25.55 35.15 30.64
C ILE B 298 26.52 36.36 30.65
N TYR B 299 27.30 36.54 29.57
CA TYR B 299 28.17 37.71 29.42
C TYR B 299 27.37 38.97 29.39
N LYS B 300 26.25 39.02 28.68
CA LYS B 300 25.47 40.27 28.63
C LYS B 300 24.96 40.63 30.01
N ARG B 301 24.47 39.66 30.74
CA ARG B 301 24.00 39.91 32.11
C ARG B 301 25.17 40.31 33.05
N THR B 302 26.35 39.69 32.92
CA THR B 302 27.49 39.99 33.77
C THR B 302 28.00 41.43 33.55
N TYR B 303 27.92 41.98 32.33
CA TYR B 303 28.42 43.29 32.02
C TYR B 303 27.41 44.42 32.09
N LYS B 304 26.16 44.12 32.35
CA LYS B 304 25.10 45.12 32.34
C LYS B 304 25.30 45.94 33.62
N ASP B 305 25.67 45.22 34.70
CA ASP B 305 26.20 45.83 35.96
C ASP B 305 27.77 45.93 36.06
N ALA C 9 -13.70 -20.73 -4.68
CA ALA C 9 -14.01 -19.31 -4.34
C ALA C 9 -12.77 -18.40 -4.31
N THR C 10 -11.61 -18.91 -3.88
CA THR C 10 -10.42 -18.08 -3.60
C THR C 10 -9.62 -17.59 -4.82
N ASN C 11 -9.49 -18.47 -5.84
CA ASN C 11 -8.78 -18.15 -7.11
C ASN C 11 -9.40 -16.99 -7.75
N VAL C 12 -10.72 -17.13 -7.82
CA VAL C 12 -11.59 -16.18 -8.39
C VAL C 12 -11.44 -14.83 -7.70
N LYS C 13 -11.34 -14.79 -6.38
CA LYS C 13 -11.26 -13.50 -5.65
C LYS C 13 -9.95 -12.83 -5.93
N ALA C 14 -8.88 -13.62 -5.87
CA ALA C 14 -7.55 -13.09 -6.20
C ALA C 14 -7.47 -12.55 -7.62
N MET C 15 -8.03 -13.29 -8.57
CA MET C 15 -7.95 -12.89 -9.97
C MET C 15 -8.88 -11.68 -10.20
N LYS C 16 -10.06 -11.64 -9.57
CA LYS C 16 -10.91 -10.44 -9.60
C LYS C 16 -10.10 -9.21 -9.15
N TYR C 17 -9.43 -9.35 -8.02
CA TYR C 17 -8.61 -8.29 -7.53
C TYR C 17 -7.53 -7.85 -8.56
N LEU C 18 -6.82 -8.81 -9.12
CA LEU C 18 -5.72 -8.47 -10.09
C LEU C 18 -6.23 -7.82 -11.39
N ILE C 19 -7.33 -8.32 -11.93
CA ILE C 19 -7.98 -7.67 -13.07
C ILE C 19 -8.33 -6.21 -12.75
N GLU C 20 -8.93 -5.94 -11.61
CA GLU C 20 -9.33 -4.56 -11.28
C GLU C 20 -8.11 -3.71 -10.92
N HIS C 21 -7.00 -4.30 -10.53
CA HIS C 21 -5.81 -3.55 -10.17
C HIS C 21 -5.08 -3.12 -11.44
N TYR C 22 -4.87 -4.06 -12.36
CA TYR C 22 -4.07 -3.81 -13.56
C TYR C 22 -4.86 -3.15 -14.70
N PHE C 23 -6.19 -3.33 -14.75
CA PHE C 23 -7.05 -2.68 -15.74
C PHE C 23 -8.01 -1.71 -15.06
N ASP C 24 -7.56 -0.47 -15.02
CA ASP C 24 -8.07 0.60 -14.17
C ASP C 24 -9.55 0.80 -14.06
N ASN C 25 -10.26 0.84 -15.20
CA ASN C 25 -11.68 1.08 -15.06
C ASN C 25 -12.48 -0.21 -15.28
N PHE C 26 -11.88 -1.37 -15.08
CA PHE C 26 -12.62 -2.60 -15.32
C PHE C 26 -13.33 -3.06 -14.06
N LYS C 27 -14.64 -3.27 -14.13
CA LYS C 27 -15.39 -3.78 -12.97
C LYS C 27 -15.84 -5.20 -13.12
N VAL C 28 -15.44 -6.03 -12.19
CA VAL C 28 -15.82 -7.43 -12.22
C VAL C 28 -17.10 -7.58 -11.40
N ASP C 29 -18.22 -7.79 -12.10
CA ASP C 29 -19.53 -8.08 -11.49
C ASP C 29 -19.72 -9.57 -11.32
N SER C 30 -19.15 -10.39 -12.20
CA SER C 30 -19.10 -11.84 -11.96
C SER C 30 -17.81 -12.42 -12.58
N ILE C 31 -17.40 -13.57 -12.08
CA ILE C 31 -16.21 -14.23 -12.55
C ILE C 31 -16.25 -15.71 -12.22
N GLU C 32 -15.98 -16.56 -13.19
CA GLU C 32 -15.87 -18.00 -12.94
C GLU C 32 -14.77 -18.62 -13.79
N ILE C 33 -14.22 -19.73 -13.34
CA ILE C 33 -13.22 -20.50 -14.05
C ILE C 33 -13.89 -21.25 -15.21
N ILE C 34 -13.44 -21.01 -16.44
CA ILE C 34 -13.98 -21.63 -17.61
C ILE C 34 -13.02 -22.64 -18.18
N GLY C 35 -11.74 -22.62 -17.77
CA GLY C 35 -10.78 -23.62 -18.23
C GLY C 35 -9.40 -23.52 -17.61
N SER C 36 -8.62 -24.58 -17.76
CA SER C 36 -7.38 -24.77 -17.01
C SER C 36 -6.39 -25.61 -17.73
N GLY C 37 -5.37 -24.96 -18.29
CA GLY C 37 -4.15 -25.64 -18.68
C GLY C 37 -3.33 -26.12 -17.49
N TYR C 38 -2.11 -26.54 -17.80
CA TYR C 38 -1.24 -27.08 -16.78
C TYR C 38 -0.59 -25.94 -15.91
N ASP C 39 -0.46 -24.75 -16.46
CA ASP C 39 0.14 -23.65 -15.70
C ASP C 39 -0.58 -22.32 -16.04
N SER C 40 -1.87 -22.42 -16.33
CA SER C 40 -2.69 -21.27 -16.71
C SER C 40 -4.16 -21.50 -16.32
N VAL C 41 -4.86 -20.41 -16.12
CA VAL C 41 -6.27 -20.50 -15.88
C VAL C 41 -6.99 -19.48 -16.71
N ALA C 42 -8.11 -19.89 -17.25
CA ALA C 42 -8.99 -18.99 -18.00
C ALA C 42 -10.31 -18.70 -17.22
N TYR C 43 -10.72 -17.45 -17.23
CA TYR C 43 -11.87 -16.97 -16.48
C TYR C 43 -12.86 -16.30 -17.43
N LEU C 44 -14.15 -16.57 -17.22
CA LEU C 44 -15.24 -15.81 -17.83
C LEU C 44 -15.71 -14.74 -16.86
N VAL C 45 -15.66 -13.49 -17.32
CA VAL C 45 -15.89 -12.34 -16.50
C VAL C 45 -17.08 -11.58 -17.09
N ASN C 46 -18.04 -11.23 -16.23
CA ASN C 46 -19.26 -10.48 -16.62
C ASN C 46 -20.06 -11.16 -17.74
N ASN C 47 -19.98 -12.48 -17.81
CA ASN C 47 -20.52 -13.26 -18.92
C ASN C 47 -20.22 -12.75 -20.35
N GLU C 48 -19.04 -12.16 -20.49
CA GLU C 48 -18.72 -11.39 -21.67
C GLU C 48 -17.21 -11.45 -22.04
N TYR C 49 -16.29 -11.47 -21.07
CA TYR C 49 -14.87 -11.42 -21.36
C TYR C 49 -14.19 -12.69 -20.94
N ILE C 50 -13.24 -13.15 -21.78
CA ILE C 50 -12.31 -14.19 -21.36
C ILE C 50 -11.08 -13.49 -20.85
N PHE C 51 -10.61 -13.88 -19.67
CA PHE C 51 -9.31 -13.46 -19.18
C PHE C 51 -8.49 -14.70 -18.99
N LYS C 52 -7.41 -14.83 -19.78
CA LYS C 52 -6.46 -15.94 -19.70
C LYS C 52 -5.34 -15.48 -18.79
N THR C 53 -4.87 -16.29 -17.88
CA THR C 53 -3.84 -15.84 -17.00
C THR C 53 -2.82 -16.88 -16.69
N LYS C 54 -1.60 -16.45 -16.42
CA LYS C 54 -0.54 -17.33 -16.01
C LYS C 54 0.37 -16.62 -15.03
N PHE C 55 0.85 -17.34 -14.03
CA PHE C 55 1.96 -16.90 -13.17
C PHE C 55 3.31 -17.44 -13.63
N SER C 56 4.42 -17.26 -12.94
CA SER C 56 5.75 -17.51 -13.57
C SER C 56 5.81 -18.85 -14.30
N THR C 57 6.26 -18.86 -15.56
CA THR C 57 6.57 -20.16 -16.22
C THR C 57 7.92 -20.09 -16.94
N ASN C 58 8.40 -21.28 -17.32
CA ASN C 58 9.68 -21.39 -18.07
C ASN C 58 9.66 -20.66 -19.45
N LYS C 59 8.53 -20.77 -20.20
CA LYS C 59 8.35 -20.15 -21.52
C LYS C 59 8.00 -18.67 -21.19
N LYS C 60 9.08 -17.85 -21.09
CA LYS C 60 9.01 -16.40 -20.82
C LYS C 60 8.63 -15.72 -22.12
N LYS C 61 7.93 -14.58 -22.03
CA LYS C 61 7.34 -13.80 -23.20
C LYS C 61 6.39 -14.70 -24.14
N GLY C 62 5.70 -15.66 -23.49
CA GLY C 62 4.69 -16.54 -24.10
C GLY C 62 3.36 -15.82 -24.40
N TYR C 63 2.76 -15.11 -23.44
CA TYR C 63 1.59 -14.27 -23.77
C TYR C 63 1.95 -13.07 -24.65
N ALA C 64 3.21 -12.59 -24.63
CA ALA C 64 3.62 -11.57 -25.58
C ALA C 64 3.51 -12.03 -27.01
N LYS C 65 4.05 -13.21 -27.34
CA LYS C 65 3.98 -13.76 -28.71
C LYS C 65 2.57 -14.03 -29.12
N GLU C 66 1.78 -14.57 -28.22
CA GLU C 66 0.45 -14.90 -28.53
C GLU C 66 -0.34 -13.63 -28.91
N LYS C 67 -0.16 -12.57 -28.13
CA LYS C 67 -0.74 -11.26 -28.39
C LYS C 67 -0.27 -10.70 -29.73
N ALA C 68 1.01 -10.73 -30.04
CA ALA C 68 1.50 -10.31 -31.34
C ALA C 68 0.84 -11.10 -32.51
N ILE C 69 0.55 -12.37 -32.29
CA ILE C 69 -0.12 -13.16 -33.29
C ILE C 69 -1.57 -12.79 -33.44
N TYR C 70 -2.29 -12.61 -32.34
CA TYR C 70 -3.66 -12.09 -32.42
C TYR C 70 -3.68 -10.74 -33.15
N ASN C 71 -2.72 -9.87 -32.88
CA ASN C 71 -2.71 -8.56 -33.48
C ASN C 71 -2.47 -8.68 -35.01
N PHE C 72 -1.49 -9.50 -35.39
CA PHE C 72 -1.19 -9.75 -36.77
C PHE C 72 -2.38 -10.37 -37.55
N LEU C 73 -3.01 -11.31 -36.96
CA LEU C 73 -4.18 -11.95 -37.59
C LEU C 73 -5.39 -11.04 -37.70
N ASN C 74 -5.63 -10.24 -36.68
CA ASN C 74 -6.81 -9.33 -36.69
C ASN C 74 -6.58 -8.25 -37.72
N THR C 75 -5.33 -7.83 -37.95
CA THR C 75 -4.97 -6.94 -39.02
C THR C 75 -5.06 -7.57 -40.43
N ASN C 76 -4.64 -8.81 -40.63
CA ASN C 76 -4.40 -9.29 -41.97
C ASN C 76 -5.38 -10.32 -42.47
N LEU C 77 -6.09 -11.04 -41.61
CA LEU C 77 -7.05 -12.02 -42.10
C LEU C 77 -8.30 -11.36 -42.57
N GLU C 78 -8.93 -11.89 -43.63
CA GLU C 78 -10.28 -11.50 -44.04
C GLU C 78 -11.13 -12.77 -43.90
N THR C 79 -11.97 -12.80 -42.86
CA THR C 79 -12.67 -14.01 -42.56
C THR C 79 -13.86 -13.67 -41.72
N ASN C 80 -14.93 -14.44 -41.83
CA ASN C 80 -16.02 -14.32 -40.90
C ASN C 80 -15.80 -15.12 -39.65
N VAL C 81 -14.75 -15.95 -39.61
CA VAL C 81 -14.45 -16.77 -38.42
C VAL C 81 -13.81 -15.84 -37.38
N LYS C 82 -14.33 -15.86 -36.16
CA LYS C 82 -13.79 -15.00 -35.12
C LYS C 82 -12.59 -15.60 -34.41
N ILE C 83 -11.66 -14.76 -34.06
CA ILE C 83 -10.59 -15.13 -33.22
C ILE C 83 -10.45 -14.12 -32.07
N PRO C 84 -9.73 -14.46 -31.01
CA PRO C 84 -9.56 -13.49 -29.94
C PRO C 84 -9.02 -12.15 -30.43
N ASN C 85 -9.65 -11.08 -29.96
CA ASN C 85 -9.16 -9.74 -30.24
C ASN C 85 -8.83 -9.06 -28.89
N ILE C 86 -7.54 -8.89 -28.65
CA ILE C 86 -7.07 -8.55 -27.33
C ILE C 86 -7.34 -7.08 -27.00
N GLU C 87 -8.16 -6.85 -25.98
CA GLU C 87 -8.46 -5.52 -25.45
C GLU C 87 -7.64 -5.20 -24.20
N TYR C 88 -7.24 -6.19 -23.40
CA TYR C 88 -6.54 -5.96 -22.15
C TYR C 88 -5.37 -6.90 -22.09
N SER C 89 -4.24 -6.38 -21.69
CA SER C 89 -3.07 -7.20 -21.52
C SER C 89 -2.19 -6.60 -20.44
N TYR C 90 -1.57 -7.48 -19.66
CA TYR C 90 -0.57 -7.18 -18.70
C TYR C 90 0.47 -8.29 -18.80
N ILE C 91 1.69 -7.97 -19.10
CA ILE C 91 2.76 -8.93 -19.25
C ILE C 91 3.93 -8.56 -18.36
N SER C 92 4.40 -9.52 -17.57
CA SER C 92 5.53 -9.42 -16.66
C SER C 92 6.04 -10.85 -16.44
N ASP C 93 7.24 -10.97 -15.91
CA ASP C 93 7.87 -12.25 -15.58
C ASP C 93 6.92 -13.14 -14.76
N GLU C 94 6.38 -12.53 -13.71
CA GLU C 94 5.65 -13.28 -12.69
C GLU C 94 4.14 -13.43 -13.02
N LEU C 95 3.60 -12.64 -13.94
CA LEU C 95 2.18 -12.63 -14.21
C LEU C 95 1.87 -12.17 -15.60
N SER C 96 1.06 -12.90 -16.34
CA SER C 96 0.56 -12.42 -17.61
C SER C 96 -0.93 -12.62 -17.70
N ILE C 97 -1.62 -11.61 -18.23
CA ILE C 97 -3.04 -11.68 -18.41
C ILE C 97 -3.38 -11.18 -19.82
N LEU C 98 -4.27 -11.88 -20.53
CA LEU C 98 -4.85 -11.42 -21.79
C LEU C 98 -6.34 -11.41 -21.67
N GLY C 99 -6.97 -10.31 -22.06
CA GLY C 99 -8.42 -10.23 -22.01
C GLY C 99 -9.05 -9.88 -23.34
N TYR C 100 -10.15 -10.53 -23.68
CA TYR C 100 -10.81 -10.32 -24.97
C TYR C 100 -12.24 -10.78 -24.80
N LYS C 101 -13.13 -10.27 -25.64
CA LYS C 101 -14.54 -10.68 -25.61
C LYS C 101 -14.67 -12.17 -26.00
N GLU C 102 -15.43 -12.88 -25.18
CA GLU C 102 -15.72 -14.28 -25.36
C GLU C 102 -16.30 -14.50 -26.72
N ILE C 103 -15.73 -15.45 -27.47
CA ILE C 103 -16.39 -15.89 -28.70
C ILE C 103 -17.44 -16.87 -28.27
N LYS C 104 -18.67 -16.63 -28.68
CA LYS C 104 -19.80 -17.44 -28.26
C LYS C 104 -19.99 -18.63 -29.17
N GLY C 105 -20.43 -19.75 -28.58
CA GLY C 105 -20.52 -20.97 -29.31
C GLY C 105 -20.26 -22.17 -28.44
N THR C 106 -20.25 -23.33 -29.10
CA THR C 106 -20.15 -24.65 -28.49
C THR C 106 -18.91 -25.28 -29.18
N PHE C 107 -18.00 -25.81 -28.36
CA PHE C 107 -16.82 -26.51 -28.89
C PHE C 107 -17.21 -27.78 -29.63
N LEU C 108 -16.61 -27.95 -30.79
CA LEU C 108 -16.81 -29.14 -31.60
C LEU C 108 -16.32 -30.37 -30.82
N THR C 109 -17.07 -31.45 -30.90
CA THR C 109 -16.74 -32.72 -30.31
C THR C 109 -17.15 -33.80 -31.28
N PRO C 110 -16.55 -35.00 -31.18
CA PRO C 110 -17.08 -36.17 -31.91
C PRO C 110 -18.57 -36.37 -31.79
N GLU C 111 -19.10 -36.27 -30.58
CA GLU C 111 -20.54 -36.50 -30.36
C GLU C 111 -21.38 -35.49 -31.20
N ILE C 112 -21.02 -34.21 -31.15
CA ILE C 112 -21.77 -33.23 -31.88
C ILE C 112 -21.67 -33.44 -33.39
N TYR C 113 -20.46 -33.72 -33.88
CA TYR C 113 -20.26 -33.98 -35.27
C TYR C 113 -21.15 -35.10 -35.81
N SER C 114 -21.28 -36.17 -35.03
CA SER C 114 -22.08 -37.29 -35.46
C SER C 114 -23.59 -36.95 -35.51
N THR C 115 -24.06 -35.95 -34.77
CA THR C 115 -25.44 -35.43 -34.91
C THR C 115 -25.62 -34.40 -36.09
N MET C 116 -24.54 -33.94 -36.70
CA MET C 116 -24.66 -32.98 -37.81
C MET C 116 -25.14 -33.73 -39.06
N SER C 117 -25.96 -33.07 -39.88
CA SER C 117 -26.31 -33.64 -41.20
C SER C 117 -25.08 -33.70 -42.07
N GLU C 118 -25.18 -34.48 -43.13
CA GLU C 118 -24.09 -34.59 -44.07
C GLU C 118 -23.65 -33.19 -44.62
N GLU C 119 -24.65 -32.35 -44.89
CA GLU C 119 -24.42 -31.02 -45.43
C GLU C 119 -23.69 -30.12 -44.38
N GLU C 120 -24.12 -30.16 -43.12
CA GLU C 120 -23.42 -29.46 -42.06
C GLU C 120 -21.99 -29.95 -41.88
N GLN C 121 -21.76 -31.25 -42.01
CA GLN C 121 -20.41 -31.77 -41.89
C GLN C 121 -19.52 -31.24 -43.01
N ASN C 122 -20.03 -31.30 -44.24
CA ASN C 122 -19.27 -30.84 -45.41
C ASN C 122 -18.97 -29.34 -45.27
N LEU C 123 -19.92 -28.52 -44.80
CA LEU C 123 -19.69 -27.09 -44.67
C LEU C 123 -18.60 -26.85 -43.62
N LEU C 124 -18.64 -27.57 -42.51
CA LEU C 124 -17.60 -27.43 -41.49
C LEU C 124 -16.23 -27.77 -42.07
N LYS C 125 -16.11 -28.87 -42.81
CA LYS C 125 -14.84 -29.20 -43.36
C LYS C 125 -14.34 -28.12 -44.33
N ARG C 126 -15.25 -27.60 -45.15
CA ARG C 126 -14.91 -26.54 -46.09
C ARG C 126 -14.46 -25.27 -45.37
N ASP C 127 -15.18 -24.93 -44.31
CA ASP C 127 -14.83 -23.76 -43.55
C ASP C 127 -13.46 -23.94 -42.92
N ILE C 128 -13.14 -25.13 -42.42
CA ILE C 128 -11.84 -25.30 -41.79
C ILE C 128 -10.74 -25.21 -42.85
N ALA C 129 -10.92 -25.91 -43.98
CA ALA C 129 -9.94 -25.88 -45.03
C ALA C 129 -9.68 -24.46 -45.52
N SER C 130 -10.77 -23.70 -45.62
CA SER C 130 -10.68 -22.37 -46.14
C SER C 130 -9.95 -21.45 -45.17
N PHE C 131 -10.24 -21.59 -43.87
CA PHE C 131 -9.58 -20.80 -42.86
C PHE C 131 -8.08 -21.08 -42.88
N LEU C 132 -7.70 -22.33 -42.89
CA LEU C 132 -6.31 -22.72 -42.91
C LEU C 132 -5.62 -22.26 -44.20
N ARG C 133 -6.28 -22.30 -45.34
CA ARG C 133 -5.66 -21.88 -46.61
CA ARG C 133 -5.66 -21.88 -46.62
C ARG C 133 -5.36 -20.38 -46.50
N GLN C 134 -6.31 -19.63 -45.99
CA GLN C 134 -6.11 -18.22 -45.83
C GLN C 134 -4.98 -17.89 -44.82
N MET C 135 -4.98 -18.51 -43.65
CA MET C 135 -3.90 -18.26 -42.69
C MET C 135 -2.51 -18.68 -43.20
N HIS C 136 -2.46 -19.87 -43.75
CA HIS C 136 -1.20 -20.39 -44.29
C HIS C 136 -0.67 -19.61 -45.50
N GLY C 137 -1.53 -18.86 -46.19
CA GLY C 137 -1.12 -18.05 -47.33
C GLY C 137 -0.68 -16.63 -46.93
N LEU C 138 -0.77 -16.24 -45.64
CA LEU C 138 -0.43 -14.89 -45.29
C LEU C 138 1.04 -14.66 -45.47
N ASP C 139 1.39 -13.48 -45.94
CA ASP C 139 2.76 -13.00 -45.90
C ASP C 139 3.09 -12.75 -44.41
N TYR C 140 4.07 -13.46 -43.87
CA TYR C 140 4.38 -13.43 -42.43
C TYR C 140 5.63 -12.57 -42.09
N THR C 141 6.03 -11.68 -42.99
CA THR C 141 7.22 -10.86 -42.82
C THR C 141 7.13 -10.06 -41.53
N ASP C 142 5.96 -9.56 -41.24
CA ASP C 142 5.74 -8.71 -40.06
C ASP C 142 5.77 -9.45 -38.69
N ILE C 143 5.74 -10.77 -38.69
CA ILE C 143 5.92 -11.56 -37.46
C ILE C 143 7.04 -12.57 -37.67
N SER C 144 8.06 -12.20 -38.43
CA SER C 144 9.02 -13.16 -38.93
C SER C 144 9.95 -13.72 -37.85
N GLU C 145 10.01 -13.06 -36.68
CA GLU C 145 10.69 -13.55 -35.50
C GLU C 145 9.98 -14.75 -34.86
N CYS C 146 8.71 -15.00 -35.16
CA CYS C 146 7.94 -16.07 -34.53
C CYS C 146 8.11 -17.42 -35.25
N THR C 147 9.32 -17.77 -35.64
CA THR C 147 9.62 -19.03 -36.27
C THR C 147 9.75 -20.10 -35.22
N ILE C 148 9.46 -21.30 -35.64
CA ILE C 148 9.58 -22.46 -34.78
C ILE C 148 10.18 -23.53 -35.67
N ASP C 149 11.27 -24.12 -35.24
CA ASP C 149 11.98 -25.15 -36.01
C ASP C 149 11.89 -26.43 -35.17
N ASN C 150 10.89 -27.27 -35.48
CA ASN C 150 10.65 -28.47 -34.68
C ASN C 150 11.85 -29.44 -34.71
N LYS C 151 12.43 -29.63 -35.89
CA LYS C 151 13.53 -30.58 -35.98
C LYS C 151 14.74 -30.15 -35.12
N GLN C 152 15.11 -28.90 -35.24
CA GLN C 152 16.19 -28.36 -34.48
C GLN C 152 15.92 -28.39 -32.97
N ASN C 153 14.68 -28.08 -32.56
CA ASN C 153 14.37 -28.15 -31.14
C ASN C 153 14.59 -29.60 -30.60
N VAL C 154 14.16 -30.58 -31.35
CA VAL C 154 14.36 -31.97 -30.98
C VAL C 154 15.83 -32.36 -30.91
N LEU C 155 16.63 -31.89 -31.87
CA LEU C 155 18.04 -32.18 -31.82
C LEU C 155 18.67 -31.61 -30.54
N GLU C 156 18.30 -30.37 -30.17
CA GLU C 156 18.83 -29.78 -28.94
C GLU C 156 18.31 -30.49 -27.68
N GLU C 157 17.09 -31.00 -27.74
CA GLU C 157 16.53 -31.76 -26.64
C GLU C 157 17.22 -33.11 -26.47
N TYR C 158 17.63 -33.73 -27.56
CA TYR C 158 18.39 -34.99 -27.51
C TYR C 158 19.74 -34.72 -26.86
N ILE C 159 20.36 -33.64 -27.19
CA ILE C 159 21.65 -33.34 -26.54
C ILE C 159 21.46 -33.16 -25.02
N LEU C 160 20.39 -32.46 -24.63
CA LEU C 160 20.06 -32.30 -23.23
C LEU C 160 19.89 -33.66 -22.52
N LEU C 161 19.17 -34.59 -23.16
CA LEU C 161 19.00 -35.91 -22.60
C LEU C 161 20.34 -36.57 -22.37
N ARG C 162 21.19 -36.53 -23.42
CA ARG C 162 22.50 -37.12 -23.32
C ARG C 162 23.35 -36.52 -22.21
N GLU C 163 23.18 -35.25 -21.98
CA GLU C 163 23.89 -34.54 -20.89
C GLU C 163 23.31 -34.75 -19.50
N THR C 164 22.11 -35.31 -19.38
CA THR C 164 21.45 -35.39 -18.05
C THR C 164 21.15 -36.81 -17.71
N ILE C 165 19.98 -37.31 -18.08
CA ILE C 165 19.55 -38.62 -17.59
C ILE C 165 19.74 -39.82 -18.48
N TYR C 166 20.15 -39.62 -19.74
CA TYR C 166 20.18 -40.71 -20.68
C TYR C 166 20.88 -41.96 -20.14
N ASN C 167 22.03 -41.79 -19.52
CA ASN C 167 22.82 -42.92 -19.05
C ASN C 167 22.14 -43.72 -17.92
N ASP C 168 21.18 -43.14 -17.20
CA ASP C 168 20.39 -43.89 -16.23
C ASP C 168 19.14 -44.59 -16.82
N LEU C 169 18.85 -44.40 -18.10
CA LEU C 169 17.62 -44.96 -18.69
C LEU C 169 17.83 -46.45 -18.89
N THR C 170 16.75 -47.21 -19.02
CA THR C 170 16.88 -48.63 -19.35
C THR C 170 17.25 -48.83 -20.84
N ASP C 171 17.64 -50.05 -21.20
CA ASP C 171 17.93 -50.36 -22.56
C ASP C 171 16.73 -50.15 -23.47
N ILE C 172 15.53 -50.56 -23.02
CA ILE C 172 14.32 -50.33 -23.80
C ILE C 172 14.05 -48.85 -24.06
N GLU C 173 14.30 -48.01 -23.05
CA GLU C 173 14.12 -46.58 -23.20
C GLU C 173 15.15 -46.02 -24.16
N LYS C 174 16.39 -46.36 -23.97
CA LYS C 174 17.44 -45.94 -24.91
C LYS C 174 17.21 -46.37 -26.33
N ASP C 175 16.77 -47.60 -26.54
CA ASP C 175 16.49 -48.03 -27.89
C ASP C 175 15.38 -47.21 -28.52
N TYR C 176 14.33 -46.88 -27.74
CA TYR C 176 13.23 -46.12 -28.28
C TYR C 176 13.75 -44.77 -28.73
N ILE C 177 14.56 -44.11 -27.89
CA ILE C 177 15.06 -42.78 -28.22
C ILE C 177 15.98 -42.82 -29.44
N GLU C 178 16.90 -43.77 -29.51
CA GLU C 178 17.86 -43.85 -30.62
C GLU C 178 17.13 -44.14 -31.93
N SER C 179 16.14 -45.00 -31.83
CA SER C 179 15.40 -45.35 -32.99
C SER C 179 14.55 -44.15 -33.53
N PHE C 180 14.02 -43.34 -32.62
CA PHE C 180 13.36 -42.10 -32.99
C PHE C 180 14.38 -41.15 -33.66
N MET C 181 15.55 -40.98 -33.07
CA MET C 181 16.55 -40.06 -33.63
C MET C 181 17.02 -40.47 -34.96
N GLU C 182 17.13 -41.76 -35.24
CA GLU C 182 17.43 -42.22 -36.59
C GLU C 182 16.37 -41.75 -37.61
N ARG C 183 15.11 -41.93 -37.23
CA ARG C 183 14.04 -41.54 -38.08
C ARG C 183 14.02 -40.00 -38.31
N LEU C 184 14.17 -39.26 -37.23
CA LEU C 184 14.21 -37.82 -37.31
C LEU C 184 15.30 -37.30 -38.23
N ASN C 185 16.45 -37.95 -38.22
CA ASN C 185 17.56 -37.56 -39.08
C ASN C 185 17.41 -37.99 -40.50
N ALA C 186 16.64 -39.06 -40.79
CA ALA C 186 16.44 -39.45 -42.21
C ALA C 186 15.20 -38.74 -42.83
N THR C 187 14.27 -38.23 -42.06
CA THR C 187 12.99 -37.82 -42.66
C THR C 187 13.09 -36.58 -43.51
N THR C 188 12.21 -36.51 -44.49
CA THR C 188 12.04 -35.35 -45.32
C THR C 188 10.86 -34.51 -44.96
N VAL C 189 10.12 -34.82 -43.90
CA VAL C 189 8.90 -34.08 -43.68
C VAL C 189 9.07 -32.68 -43.19
N PHE C 190 10.29 -32.30 -42.78
CA PHE C 190 10.56 -30.92 -42.35
C PHE C 190 11.09 -30.06 -43.48
N GLU C 191 11.14 -30.52 -44.70
CA GLU C 191 11.73 -29.78 -45.79
C GLU C 191 10.69 -29.19 -46.70
N GLY C 192 9.40 -29.15 -46.32
CA GLY C 192 8.39 -28.57 -47.19
C GLY C 192 8.06 -27.16 -46.81
N LYS C 193 6.88 -26.72 -47.21
CA LYS C 193 6.47 -25.34 -47.07
C LYS C 193 6.33 -24.93 -45.60
N LYS C 194 6.82 -23.74 -45.28
CA LYS C 194 6.72 -23.13 -44.00
C LYS C 194 5.70 -22.00 -44.07
N CYS C 195 4.93 -21.81 -43.02
CA CYS C 195 3.98 -20.72 -42.97
C CYS C 195 3.45 -20.59 -41.55
N LEU C 196 2.71 -19.53 -41.32
CA LEU C 196 2.09 -19.29 -40.01
C LEU C 196 1.03 -20.36 -39.75
N CYS C 197 1.17 -21.09 -38.66
CA CYS C 197 0.22 -22.14 -38.33
C CYS C 197 -0.30 -21.89 -36.92
N HIS C 198 -1.52 -22.33 -36.70
CA HIS C 198 -2.14 -22.29 -35.37
C HIS C 198 -1.35 -23.12 -34.39
N ASN C 199 -1.05 -24.35 -34.84
CA ASN C 199 -0.13 -25.29 -34.15
C ASN C 199 -0.68 -25.95 -32.96
N ASP C 200 -1.98 -25.82 -32.71
CA ASP C 200 -2.64 -26.69 -31.71
C ASP C 200 -4.11 -26.85 -32.18
N PHE C 201 -4.27 -27.25 -33.43
CA PHE C 201 -5.54 -27.07 -34.11
C PHE C 201 -6.38 -28.31 -33.99
N ASN C 202 -7.19 -28.36 -32.96
CA ASN C 202 -7.96 -29.54 -32.62
C ASN C 202 -9.33 -29.14 -32.18
N CYS C 203 -10.19 -30.10 -31.94
CA CYS C 203 -11.57 -29.89 -31.53
C CYS C 203 -11.83 -28.90 -30.42
N ASN C 204 -11.05 -28.98 -29.37
CA ASN C 204 -11.11 -28.07 -28.21
C ASN C 204 -10.92 -26.60 -28.50
N HIS C 205 -10.42 -26.28 -29.67
CA HIS C 205 -10.21 -24.89 -30.03
C HIS C 205 -11.12 -24.40 -31.12
N LEU C 206 -12.07 -25.24 -31.54
CA LEU C 206 -12.96 -24.89 -32.65
C LEU C 206 -14.39 -24.71 -32.14
N LEU C 207 -14.95 -23.52 -32.42
CA LEU C 207 -16.30 -23.17 -31.90
C LEU C 207 -17.30 -23.22 -33.05
N LEU C 208 -18.46 -23.76 -32.69
CA LEU C 208 -19.65 -23.75 -33.56
C LEU C 208 -20.72 -22.79 -33.07
N ASP C 209 -21.43 -22.17 -33.99
CA ASP C 209 -22.60 -21.31 -33.63
C ASP C 209 -23.86 -22.17 -33.58
N GLY C 210 -25.03 -21.59 -33.37
CA GLY C 210 -26.27 -22.39 -33.19
C GLY C 210 -26.76 -23.09 -34.45
N ASN C 211 -26.19 -22.78 -35.61
CA ASN C 211 -26.45 -23.50 -36.89
C ASN C 211 -25.36 -24.55 -37.26
N ASN C 212 -24.49 -24.90 -36.30
CA ASN C 212 -23.32 -25.81 -36.50
C ASN C 212 -22.34 -25.39 -37.54
N ARG C 213 -22.23 -24.07 -37.78
CA ARG C 213 -21.18 -23.54 -38.63
C ARG C 213 -20.00 -23.16 -37.74
N LEU C 214 -18.82 -23.20 -38.33
CA LEU C 214 -17.62 -22.82 -37.64
C LEU C 214 -17.74 -21.29 -37.44
N THR C 215 -17.67 -20.89 -36.19
CA THR C 215 -17.79 -19.51 -35.82
C THR C 215 -16.56 -18.91 -35.19
N GLY C 216 -15.71 -19.73 -34.57
CA GLY C 216 -14.52 -19.20 -33.92
C GLY C 216 -13.43 -20.18 -33.70
N ILE C 217 -12.22 -19.64 -33.60
CA ILE C 217 -11.01 -20.42 -33.30
C ILE C 217 -10.24 -19.70 -32.21
N ILE C 218 -9.88 -20.44 -31.15
CA ILE C 218 -9.19 -19.88 -30.01
C ILE C 218 -7.84 -20.56 -29.83
N ASP C 219 -7.11 -20.01 -28.90
CA ASP C 219 -5.81 -20.47 -28.39
C ASP C 219 -4.76 -20.61 -29.45
N PHE C 220 -4.26 -19.47 -29.85
CA PHE C 220 -3.13 -19.43 -30.72
C PHE C 220 -1.86 -19.31 -29.89
N GLY C 221 -1.84 -19.82 -28.67
CA GLY C 221 -0.68 -19.79 -27.80
C GLY C 221 0.58 -20.54 -28.24
N ASP C 222 0.49 -21.45 -29.16
CA ASP C 222 1.65 -22.17 -29.66
C ASP C 222 1.92 -21.82 -31.14
N SER C 223 1.22 -20.81 -31.67
CA SER C 223 1.33 -20.48 -33.09
C SER C 223 2.67 -19.99 -33.48
N GLY C 224 3.01 -20.21 -34.74
CA GLY C 224 4.27 -19.64 -35.23
C GLY C 224 4.51 -20.06 -36.65
N ILE C 225 5.68 -19.69 -37.17
CA ILE C 225 6.02 -20.01 -38.53
C ILE C 225 6.73 -21.34 -38.48
N ILE C 226 6.17 -22.34 -39.15
CA ILE C 226 6.54 -23.75 -38.97
C ILE C 226 6.04 -24.52 -40.16
N ASP C 227 6.30 -25.80 -40.22
CA ASP C 227 5.77 -26.63 -41.31
C ASP C 227 4.24 -26.58 -41.47
N GLU C 228 3.83 -26.39 -42.70
CA GLU C 228 2.40 -26.46 -43.11
C GLU C 228 1.70 -27.73 -42.61
N TYR C 229 2.40 -28.85 -42.64
CA TYR C 229 1.85 -30.10 -42.11
C TYR C 229 1.32 -30.00 -40.63
N CYS C 230 1.91 -29.13 -39.81
CA CYS C 230 1.58 -28.99 -38.36
C CYS C 230 0.12 -28.81 -38.12
N ASP C 231 -0.60 -28.07 -38.97
CA ASP C 231 -1.96 -27.81 -38.68
C ASP C 231 -2.91 -28.93 -39.01
N PHE C 232 -2.38 -30.07 -39.47
CA PHE C 232 -3.25 -31.21 -39.81
C PHE C 232 -3.06 -32.37 -38.86
N ILE C 233 -2.16 -32.23 -37.89
CA ILE C 233 -1.79 -33.36 -37.12
C ILE C 233 -2.89 -33.88 -36.23
N TYR C 234 -3.70 -32.98 -35.71
CA TYR C 234 -4.79 -33.38 -34.81
C TYR C 234 -6.05 -33.72 -35.64
N LEU C 235 -6.25 -33.03 -36.74
CA LEU C 235 -7.32 -33.38 -37.64
C LEU C 235 -7.15 -34.76 -38.21
N LEU C 236 -5.90 -35.24 -38.30
CA LEU C 236 -5.61 -36.62 -38.75
C LEU C 236 -5.65 -37.64 -37.63
N GLU C 237 -5.84 -37.23 -36.40
CA GLU C 237 -5.72 -38.16 -35.26
C GLU C 237 -6.97 -39.02 -35.11
N ASP C 238 -6.72 -40.28 -34.88
CA ASP C 238 -7.73 -41.27 -34.52
C ASP C 238 -7.61 -41.51 -32.99
N SER C 239 -8.43 -40.80 -32.21
CA SER C 239 -8.56 -40.91 -30.79
C SER C 239 -9.99 -40.50 -30.37
N GLU C 240 -10.28 -40.69 -29.08
CA GLU C 240 -11.58 -40.34 -28.54
C GLU C 240 -11.88 -38.85 -28.53
N GLU C 241 -10.86 -38.00 -28.54
CA GLU C 241 -11.10 -36.58 -28.34
C GLU C 241 -11.29 -35.90 -29.71
N GLU C 242 -10.81 -36.53 -30.79
CA GLU C 242 -10.88 -35.97 -32.14
C GLU C 242 -11.88 -36.80 -33.01
N ILE C 243 -12.27 -36.21 -34.12
CA ILE C 243 -13.30 -36.77 -34.96
C ILE C 243 -12.89 -38.01 -35.69
N GLY C 244 -11.68 -38.02 -36.28
CA GLY C 244 -11.13 -39.19 -36.94
C GLY C 244 -10.29 -38.83 -38.18
N THR C 245 -9.45 -39.76 -38.60
CA THR C 245 -8.59 -39.64 -39.76
C THR C 245 -9.33 -39.23 -41.07
N ASN C 246 -10.55 -39.73 -41.30
CA ASN C 246 -11.41 -39.37 -42.49
C ASN C 246 -11.68 -37.89 -42.58
N PHE C 247 -11.97 -37.30 -41.43
CA PHE C 247 -12.21 -35.89 -41.30
C PHE C 247 -11.01 -35.08 -41.75
N GLY C 248 -9.83 -35.43 -41.25
CA GLY C 248 -8.59 -34.70 -41.64
C GLY C 248 -8.24 -34.93 -43.12
N GLU C 249 -8.45 -36.13 -43.59
CA GLU C 249 -8.27 -36.44 -45.00
C GLU C 249 -9.14 -35.63 -45.90
N ASP C 250 -10.42 -35.58 -45.60
CA ASP C 250 -11.36 -34.77 -46.37
C ASP C 250 -10.97 -33.30 -46.35
N ILE C 251 -10.59 -32.79 -45.18
CA ILE C 251 -10.14 -31.41 -45.07
C ILE C 251 -8.90 -31.17 -45.91
N LEU C 252 -7.96 -32.10 -45.86
CA LEU C 252 -6.77 -32.03 -46.68
C LEU C 252 -7.06 -32.03 -48.19
N ARG C 253 -8.01 -32.81 -48.65
CA ARG C 253 -8.43 -32.80 -50.05
C ARG C 253 -9.07 -31.49 -50.44
N MET C 254 -9.90 -30.94 -49.60
CA MET C 254 -10.48 -29.62 -49.86
C MET C 254 -9.41 -28.53 -49.85
N TYR C 255 -8.40 -28.65 -49.00
CA TYR C 255 -7.37 -27.61 -48.84
C TYR C 255 -6.54 -27.61 -50.13
N GLY C 256 -6.23 -28.80 -50.62
CA GLY C 256 -5.48 -29.03 -51.84
C GLY C 256 -3.97 -28.86 -51.73
N ASN C 257 -3.35 -29.37 -52.77
CA ASN C 257 -1.94 -29.14 -53.05
C ASN C 257 -1.09 -29.57 -51.87
N ILE C 258 -1.43 -30.67 -51.22
CA ILE C 258 -0.66 -31.15 -50.10
C ILE C 258 -0.70 -32.67 -50.12
N ASP C 259 0.46 -33.24 -49.89
CA ASP C 259 0.64 -34.66 -49.91
C ASP C 259 0.14 -35.26 -48.59
N ILE C 260 -1.02 -35.90 -48.64
CA ILE C 260 -1.69 -36.41 -47.47
C ILE C 260 -0.85 -37.47 -46.75
N GLU C 261 -0.15 -38.30 -47.48
CA GLU C 261 0.70 -39.31 -46.85
C GLU C 261 1.86 -38.69 -46.11
N LYS C 262 2.42 -37.61 -46.59
CA LYS C 262 3.45 -36.90 -45.79
C LYS C 262 2.87 -36.22 -44.61
N ALA C 263 1.66 -35.64 -44.73
CA ALA C 263 1.04 -35.12 -43.54
C ALA C 263 0.89 -36.17 -42.48
N LYS C 264 0.47 -37.35 -42.86
CA LYS C 264 0.36 -38.45 -41.90
C LYS C 264 1.72 -38.90 -41.38
N GLU C 265 2.74 -38.95 -42.22
CA GLU C 265 4.08 -39.29 -41.70
C GLU C 265 4.52 -38.22 -40.66
N TYR C 266 4.25 -36.93 -40.92
CA TYR C 266 4.61 -35.88 -39.99
C TYR C 266 3.90 -36.11 -38.67
N GLN C 267 2.60 -36.38 -38.71
CA GLN C 267 1.83 -36.66 -37.50
C GLN C 267 2.40 -37.84 -36.75
N ASP C 268 2.82 -38.89 -37.47
CA ASP C 268 3.33 -40.10 -36.85
C ASP C 268 4.69 -39.86 -36.14
N ILE C 269 5.54 -39.05 -36.72
CA ILE C 269 6.81 -38.66 -36.10
C ILE C 269 6.57 -37.82 -34.83
N VAL C 270 5.64 -36.86 -34.87
CA VAL C 270 5.29 -36.10 -33.70
C VAL C 270 4.74 -36.99 -32.63
N GLU C 271 3.91 -37.96 -33.00
CA GLU C 271 3.33 -38.84 -32.03
C GLU C 271 4.43 -39.73 -31.43
N GLU C 272 5.39 -40.22 -32.20
CA GLU C 272 6.46 -41.07 -31.69
C GLU C 272 7.33 -40.25 -30.73
N TYR C 273 7.47 -38.95 -30.98
CA TYR C 273 8.24 -38.09 -30.13
C TYR C 273 7.63 -37.81 -28.78
N TYR C 274 6.31 -37.94 -28.65
CA TYR C 274 5.63 -37.48 -27.47
C TYR C 274 6.18 -37.94 -26.11
N PRO C 275 6.45 -39.21 -25.91
CA PRO C 275 7.07 -39.61 -24.66
C PRO C 275 8.42 -38.89 -24.35
N ILE C 276 9.23 -38.65 -25.37
CA ILE C 276 10.54 -38.07 -25.21
C ILE C 276 10.28 -36.57 -24.87
N GLU C 277 9.38 -35.93 -25.58
CA GLU C 277 8.94 -34.57 -25.27
C GLU C 277 8.51 -34.43 -23.79
N THR C 278 7.81 -35.44 -23.29
CA THR C 278 7.32 -35.46 -21.95
C THR C 278 8.53 -35.55 -21.00
N ILE C 279 9.46 -36.46 -21.27
CA ILE C 279 10.64 -36.63 -20.43
C ILE C 279 11.45 -35.31 -20.36
N VAL C 280 11.65 -34.69 -21.49
CA VAL C 280 12.38 -33.45 -21.62
C VAL C 280 11.72 -32.30 -20.87
N TYR C 281 10.40 -32.24 -20.93
CA TYR C 281 9.65 -31.27 -20.16
C TYR C 281 9.94 -31.42 -18.67
N GLY C 282 9.98 -32.67 -18.23
CA GLY C 282 10.32 -33.01 -16.87
C GLY C 282 11.73 -32.61 -16.45
N ILE C 283 12.69 -32.77 -17.33
CA ILE C 283 14.07 -32.41 -17.05
C ILE C 283 14.14 -30.90 -16.92
N LYS C 284 13.61 -30.19 -17.92
CA LYS C 284 13.73 -28.73 -18.00
C LYS C 284 13.03 -28.02 -16.85
N ASN C 285 11.92 -28.57 -16.35
CA ASN C 285 11.09 -27.90 -15.35
C ASN C 285 11.19 -28.62 -14.02
N ILE C 286 12.17 -29.51 -13.88
CA ILE C 286 12.45 -30.22 -12.64
C ILE C 286 11.18 -30.83 -12.10
N LYS C 287 10.43 -31.57 -12.94
CA LYS C 287 9.24 -32.30 -12.50
C LYS C 287 9.36 -33.79 -12.83
N GLN C 288 9.76 -34.56 -11.82
CA GLN C 288 10.00 -35.99 -11.91
C GLN C 288 8.80 -36.76 -12.48
N GLU C 289 7.58 -36.33 -12.12
CA GLU C 289 6.35 -36.92 -12.56
C GLU C 289 6.29 -37.04 -14.13
N PHE C 290 6.74 -36.02 -14.84
CA PHE C 290 6.76 -36.04 -16.27
C PHE C 290 7.84 -36.97 -16.80
N ILE C 291 8.98 -37.02 -16.12
CA ILE C 291 10.04 -37.94 -16.54
C ILE C 291 9.49 -39.39 -16.42
N GLU C 292 8.87 -39.71 -15.30
CA GLU C 292 8.25 -41.01 -15.09
C GLU C 292 7.11 -41.30 -16.14
N ASN C 293 6.21 -40.33 -16.42
CA ASN C 293 5.14 -40.54 -17.38
C ASN C 293 5.65 -40.87 -18.80
N GLY C 294 6.68 -40.15 -19.23
CA GLY C 294 7.27 -40.38 -20.50
C GLY C 294 7.91 -41.77 -20.65
N ARG C 295 8.66 -42.18 -19.63
CA ARG C 295 9.35 -43.44 -19.63
C ARG C 295 8.33 -44.60 -19.66
N LYS C 296 7.29 -44.51 -18.84
CA LYS C 296 6.21 -45.48 -18.84
C LYS C 296 5.53 -45.58 -20.23
N GLU C 297 5.32 -44.43 -20.85
CA GLU C 297 4.67 -44.36 -22.19
C GLU C 297 5.53 -45.05 -23.25
N ILE C 298 6.86 -44.96 -23.09
CA ILE C 298 7.76 -45.74 -23.91
C ILE C 298 7.49 -47.26 -23.83
N TYR C 299 7.29 -47.79 -22.62
CA TYR C 299 6.96 -49.22 -22.44
C TYR C 299 5.62 -49.52 -23.01
N LYS C 300 4.62 -48.66 -22.83
CA LYS C 300 3.32 -48.95 -23.42
C LYS C 300 3.39 -49.00 -24.93
N ARG C 301 4.10 -48.09 -25.53
CA ARG C 301 4.24 -48.05 -26.98
C ARG C 301 5.09 -49.27 -27.49
N THR C 302 6.13 -49.69 -26.75
CA THR C 302 6.97 -50.79 -27.17
C THR C 302 6.19 -52.12 -27.14
N TYR C 303 5.23 -52.31 -26.23
CA TYR C 303 4.57 -53.56 -26.01
C TYR C 303 3.21 -53.63 -26.68
N LYS C 304 2.79 -52.55 -27.33
CA LYS C 304 1.51 -52.54 -28.02
C LYS C 304 1.59 -53.53 -29.22
N ASP C 305 0.50 -54.26 -29.40
CA ASP C 305 0.25 -55.31 -30.45
C ASP C 305 0.55 -56.76 -29.95
N ALA D 9 -3.15 -25.76 -6.17
CA ALA D 9 -1.92 -25.17 -6.75
C ALA D 9 -2.11 -23.71 -7.22
N THR D 10 -3.32 -23.35 -7.69
CA THR D 10 -3.61 -22.02 -8.21
C THR D 10 -3.74 -20.87 -7.16
N ASN D 11 -4.39 -21.22 -6.02
CA ASN D 11 -4.61 -20.28 -4.90
C ASN D 11 -3.34 -19.84 -4.36
N VAL D 12 -2.50 -20.86 -4.17
CA VAL D 12 -1.20 -20.70 -3.67
C VAL D 12 -0.38 -19.75 -4.57
N LYS D 13 -0.48 -19.89 -5.90
CA LYS D 13 0.33 -19.05 -6.81
C LYS D 13 -0.13 -17.61 -6.72
N ALA D 14 -1.44 -17.42 -6.74
CA ALA D 14 -1.99 -16.07 -6.62
C ALA D 14 -1.58 -15.39 -5.29
N MET D 15 -1.64 -16.15 -4.20
CA MET D 15 -1.32 -15.61 -2.95
C MET D 15 0.19 -15.34 -2.78
N LYS D 16 1.01 -16.27 -3.31
CA LYS D 16 2.47 -16.04 -3.38
C LYS D 16 2.75 -14.72 -4.10
N TYR D 17 2.11 -14.53 -5.25
CA TYR D 17 2.28 -13.33 -5.98
C TYR D 17 1.92 -12.07 -5.17
N LEU D 18 0.76 -12.10 -4.53
CA LEU D 18 0.33 -10.93 -3.74
C LEU D 18 1.24 -10.60 -2.54
N ILE D 19 1.67 -11.64 -1.82
CA ILE D 19 2.60 -11.45 -0.72
C ILE D 19 3.88 -10.78 -1.20
N GLU D 20 4.46 -11.28 -2.30
CA GLU D 20 5.70 -10.69 -2.79
C GLU D 20 5.51 -9.32 -3.39
N HIS D 21 4.29 -8.99 -3.82
CA HIS D 21 4.01 -7.69 -4.41
C HIS D 21 3.89 -6.64 -3.32
N TYR D 22 3.12 -6.94 -2.30
CA TYR D 22 2.78 -5.99 -1.21
C TYR D 22 3.85 -5.88 -0.11
N PHE D 23 4.64 -6.93 0.10
CA PHE D 23 5.72 -6.95 1.11
C PHE D 23 7.07 -7.06 0.42
N ASP D 24 7.64 -5.85 0.29
CA ASP D 24 9.06 -5.60 0.07
C ASP D 24 10.12 -6.59 0.52
N ASN D 25 10.61 -7.26 -0.50
CA ASN D 25 11.73 -8.18 -0.28
C ASN D 25 11.28 -9.27 0.70
N PHE D 26 9.99 -9.61 0.78
CA PHE D 26 9.58 -10.88 1.32
C PHE D 26 9.63 -11.94 0.24
N LYS D 27 10.36 -13.04 0.49
CA LYS D 27 10.47 -14.11 -0.49
C LYS D 27 9.71 -15.34 -0.05
N VAL D 28 8.81 -15.80 -0.89
CA VAL D 28 8.10 -17.02 -0.64
C VAL D 28 8.87 -18.17 -1.21
N ASP D 29 9.49 -18.97 -0.30
CA ASP D 29 10.20 -20.21 -0.68
C ASP D 29 9.23 -21.37 -0.61
N SER D 30 8.25 -21.34 0.28
CA SER D 30 7.16 -22.33 0.27
C SER D 30 5.87 -21.69 0.75
N ILE D 31 4.75 -22.29 0.36
CA ILE D 31 3.46 -21.81 0.75
C ILE D 31 2.43 -22.93 0.61
N GLU D 32 1.62 -23.14 1.65
CA GLU D 32 0.55 -24.12 1.57
C GLU D 32 -0.69 -23.59 2.32
N ILE D 33 -1.88 -24.06 1.93
CA ILE D 33 -3.12 -23.67 2.61
C ILE D 33 -3.22 -24.45 3.93
N ILE D 34 -3.37 -23.74 5.04
CA ILE D 34 -3.46 -24.36 6.35
C ILE D 34 -4.92 -24.30 6.87
N GLY D 35 -5.87 -23.59 6.25
CA GLY D 35 -7.33 -23.86 6.58
C GLY D 35 -8.35 -22.85 6.10
N VAL D 41 -8.92 -17.03 3.57
CA VAL D 41 -8.06 -18.21 3.62
C VAL D 41 -6.75 -17.94 4.36
N ALA D 42 -6.29 -18.95 5.11
CA ALA D 42 -5.04 -18.89 5.74
C ALA D 42 -3.93 -19.81 5.14
N TYR D 43 -2.70 -19.31 5.09
CA TYR D 43 -1.56 -19.97 4.45
C TYR D 43 -0.39 -20.05 5.40
N LEU D 44 0.33 -21.16 5.39
CA LEU D 44 1.66 -21.30 6.02
C LEU D 44 2.75 -21.04 4.98
N VAL D 45 3.61 -20.07 5.26
CA VAL D 45 4.61 -19.58 4.36
C VAL D 45 5.98 -19.76 4.98
N ASN D 46 6.90 -20.35 4.21
CA ASN D 46 8.29 -20.63 4.65
C ASN D 46 8.35 -21.46 5.95
N ASN D 47 7.35 -22.31 6.16
CA ASN D 47 7.18 -23.09 7.38
C ASN D 47 7.24 -22.32 8.69
N GLU D 48 6.85 -21.06 8.64
CA GLU D 48 7.14 -20.14 9.72
C GLU D 48 6.06 -19.03 9.93
N TYR D 49 5.45 -18.56 8.85
CA TYR D 49 4.51 -17.47 8.93
C TYR D 49 3.14 -17.92 8.57
N ILE D 50 2.17 -17.44 9.33
CA ILE D 50 0.75 -17.52 8.89
C ILE D 50 0.44 -16.25 8.14
N PHE D 51 -0.14 -16.38 6.96
CA PHE D 51 -0.66 -15.27 6.23
C PHE D 51 -2.15 -15.51 6.05
N LYS D 52 -2.96 -14.64 6.63
CA LYS D 52 -4.42 -14.70 6.56
C LYS D 52 -4.81 -13.73 5.49
N THR D 53 -5.77 -14.07 4.65
CA THR D 53 -6.18 -13.10 3.64
C THR D 53 -7.68 -13.05 3.42
N LYS D 54 -8.15 -11.88 3.03
CA LYS D 54 -9.59 -11.69 2.85
C LYS D 54 -9.82 -10.61 1.80
N PHE D 55 -10.77 -10.86 0.87
CA PHE D 55 -11.17 -9.92 -0.18
C PHE D 55 -12.48 -9.23 0.19
N TYR D 63 -10.02 -6.57 8.32
CA TYR D 63 -8.82 -6.83 9.10
C TYR D 63 -8.25 -5.68 9.91
N ALA D 64 -8.72 -4.46 9.69
CA ALA D 64 -8.27 -3.33 10.50
C ALA D 64 -8.56 -3.54 12.00
N LYS D 65 -9.78 -3.92 12.37
CA LYS D 65 -10.12 -4.14 13.77
C LYS D 65 -9.36 -5.30 14.36
N GLU D 66 -9.22 -6.37 13.60
CA GLU D 66 -8.53 -7.52 14.09
C GLU D 66 -7.08 -7.17 14.43
N LYS D 67 -6.45 -6.43 13.52
CA LYS D 67 -5.09 -5.94 13.72
C LYS D 67 -4.97 -5.05 14.94
N ALA D 68 -5.87 -4.08 15.09
CA ALA D 68 -5.87 -3.22 16.29
C ALA D 68 -6.02 -4.04 17.57
N ILE D 69 -6.76 -5.14 17.53
CA ILE D 69 -6.95 -5.97 18.71
C ILE D 69 -5.68 -6.76 19.00
N TYR D 70 -5.05 -7.36 17.99
CA TYR D 70 -3.73 -7.95 18.21
C TYR D 70 -2.74 -6.96 18.80
N ASN D 71 -2.72 -5.73 18.32
CA ASN D 71 -1.76 -4.76 18.77
C ASN D 71 -2.06 -4.40 20.27
N PHE D 72 -3.34 -4.16 20.57
CA PHE D 72 -3.79 -3.81 21.88
C PHE D 72 -3.48 -4.91 22.89
N LEU D 73 -3.76 -6.17 22.52
CA LEU D 73 -3.52 -7.26 23.42
C LEU D 73 -2.01 -7.53 23.64
N ASN D 74 -1.21 -7.40 22.58
CA ASN D 74 0.23 -7.66 22.71
C ASN D 74 0.88 -6.56 23.59
N THR D 75 0.35 -5.34 23.55
CA THR D 75 0.72 -4.29 24.46
C THR D 75 0.25 -4.47 25.91
N ASN D 76 -0.95 -4.95 26.16
CA ASN D 76 -1.52 -4.80 27.50
C ASN D 76 -1.65 -6.09 28.28
N LEU D 77 -1.66 -7.27 27.63
CA LEU D 77 -1.78 -8.51 28.39
C LEU D 77 -0.49 -8.86 29.10
N GLU D 78 -0.57 -9.46 30.28
CA GLU D 78 0.58 -10.11 30.94
C GLU D 78 0.22 -11.59 31.06
N THR D 79 0.81 -12.43 30.20
CA THR D 79 0.42 -13.82 30.12
C THR D 79 1.52 -14.56 29.42
N ASN D 80 1.67 -15.84 29.66
CA ASN D 80 2.55 -16.66 28.86
C ASN D 80 1.83 -17.24 27.66
N VAL D 81 0.51 -17.03 27.57
CA VAL D 81 -0.23 -17.59 26.43
C VAL D 81 0.04 -16.71 25.19
N LYS D 82 0.43 -17.33 24.09
CA LYS D 82 0.76 -16.56 22.91
C LYS D 82 -0.46 -16.26 22.03
N ILE D 83 -0.42 -15.07 21.46
CA ILE D 83 -1.40 -14.72 20.45
C ILE D 83 -0.70 -14.17 19.22
N PRO D 84 -1.39 -14.09 18.09
CA PRO D 84 -0.75 -13.55 16.89
C PRO D 84 -0.14 -12.18 17.13
N ASN D 85 1.09 -12.02 16.66
CA ASN D 85 1.80 -10.74 16.73
C ASN D 85 2.14 -10.31 15.28
N ILE D 86 1.43 -9.29 14.83
CA ILE D 86 1.40 -8.96 13.42
C ILE D 86 2.67 -8.27 12.97
N GLU D 87 3.41 -8.90 12.06
CA GLU D 87 4.60 -8.32 11.42
C GLU D 87 4.33 -7.75 10.03
N TYR D 88 3.33 -8.25 9.32
CA TYR D 88 3.01 -7.81 7.97
C TYR D 88 1.55 -7.59 7.85
N SER D 89 1.21 -6.45 7.28
CA SER D 89 -0.18 -6.12 7.06
C SER D 89 -0.31 -5.24 5.87
N TYR D 90 -1.39 -5.47 5.12
CA TYR D 90 -1.84 -4.65 4.04
C TYR D 90 -3.36 -4.62 4.16
N ILE D 91 -3.89 -3.43 4.29
CA ILE D 91 -5.33 -3.26 4.52
C ILE D 91 -5.86 -2.28 3.50
N SER D 92 -6.91 -2.69 2.78
CA SER D 92 -7.56 -1.89 1.75
C SER D 92 -8.98 -2.42 1.67
N ASP D 93 -9.84 -1.66 1.00
CA ASP D 93 -11.25 -2.05 0.86
C ASP D 93 -11.37 -3.44 0.24
N GLU D 94 -10.59 -3.69 -0.82
CA GLU D 94 -10.76 -4.90 -1.59
C GLU D 94 -9.93 -6.09 -1.08
N LEU D 95 -8.90 -5.83 -0.28
CA LEU D 95 -7.94 -6.89 0.07
C LEU D 95 -7.29 -6.60 1.38
N SER D 96 -7.27 -7.57 2.27
CA SER D 96 -6.54 -7.42 3.52
C SER D 96 -5.69 -8.66 3.72
N ILE D 97 -4.47 -8.44 4.17
CA ILE D 97 -3.56 -9.51 4.47
C ILE D 97 -2.94 -9.25 5.85
N LEU D 98 -2.87 -10.29 6.70
CA LEU D 98 -2.10 -10.20 7.95
C LEU D 98 -1.10 -11.32 7.98
N GLY D 99 0.12 -11.01 8.37
CA GLY D 99 1.13 -12.00 8.53
C GLY D 99 1.72 -11.98 9.95
N TYR D 100 1.95 -13.15 10.52
CA TYR D 100 2.51 -13.28 11.84
C TYR D 100 3.18 -14.63 11.92
N LYS D 101 4.15 -14.79 12.82
CA LYS D 101 4.78 -16.07 13.05
C LYS D 101 3.77 -17.07 13.63
N GLU D 102 3.79 -18.26 13.03
CA GLU D 102 2.96 -19.37 13.44
C GLU D 102 3.15 -19.67 14.93
N ILE D 103 2.07 -19.73 15.69
CA ILE D 103 2.13 -20.24 17.05
C ILE D 103 2.13 -21.73 16.96
N LYS D 104 3.12 -22.36 17.56
CA LYS D 104 3.27 -23.82 17.50
C LYS D 104 2.53 -24.51 18.61
N GLY D 105 1.99 -25.68 18.34
CA GLY D 105 1.19 -26.43 19.31
C GLY D 105 0.21 -27.32 18.57
N THR D 106 -0.64 -28.00 19.32
CA THR D 106 -1.67 -28.91 18.84
C THR D 106 -3.03 -28.34 19.29
N PHE D 107 -3.99 -28.25 18.35
CA PHE D 107 -5.35 -27.78 18.70
C PHE D 107 -6.07 -28.72 19.64
N LEU D 108 -6.66 -28.15 20.69
CA LEU D 108 -7.54 -28.89 21.61
C LEU D 108 -8.68 -29.53 20.85
N THR D 109 -8.98 -30.78 21.18
CA THR D 109 -10.15 -31.49 20.65
C THR D 109 -10.80 -32.24 21.78
N PRO D 110 -12.07 -32.60 21.66
CA PRO D 110 -12.67 -33.59 22.60
C PRO D 110 -11.84 -34.82 22.86
N GLU D 111 -11.31 -35.40 21.81
CA GLU D 111 -10.55 -36.67 21.89
C GLU D 111 -9.32 -36.45 22.77
N ILE D 112 -8.57 -35.37 22.54
CA ILE D 112 -7.40 -35.09 23.34
C ILE D 112 -7.75 -34.85 24.82
N TYR D 113 -8.79 -34.06 25.05
CA TYR D 113 -9.23 -33.75 26.38
C TYR D 113 -9.53 -35.01 27.19
N SER D 114 -10.22 -35.96 26.55
CA SER D 114 -10.63 -37.16 27.23
C SER D 114 -9.43 -38.05 27.58
N THR D 115 -8.30 -37.94 26.86
CA THR D 115 -7.05 -38.61 27.25
C THR D 115 -6.21 -37.86 28.32
N MET D 116 -6.54 -36.63 28.64
CA MET D 116 -5.78 -35.87 29.65
C MET D 116 -6.11 -36.43 31.05
N SER D 117 -5.13 -36.45 31.94
CA SER D 117 -5.40 -36.80 33.34
C SER D 117 -6.27 -35.73 33.98
N GLU D 118 -6.86 -36.08 35.09
CA GLU D 118 -7.70 -35.11 35.81
C GLU D 118 -6.93 -33.83 36.17
N GLU D 119 -5.67 -33.99 36.54
CA GLU D 119 -4.79 -32.86 36.87
C GLU D 119 -4.51 -31.99 35.66
N GLU D 120 -4.21 -32.61 34.50
CA GLU D 120 -4.08 -31.82 33.24
C GLU D 120 -5.36 -31.09 32.87
N GLN D 121 -6.51 -31.73 33.08
CA GLN D 121 -7.76 -31.10 32.75
C GLN D 121 -7.99 -29.88 33.64
N ASN D 122 -7.76 -30.02 34.94
CA ASN D 122 -7.93 -28.92 35.87
C ASN D 122 -6.98 -27.76 35.53
N LEU D 123 -5.73 -28.06 35.19
CA LEU D 123 -4.78 -27.00 34.84
C LEU D 123 -5.24 -26.26 33.57
N LEU D 124 -5.73 -27.01 32.58
CA LEU D 124 -6.24 -26.39 31.35
C LEU D 124 -7.42 -25.49 31.66
N LYS D 125 -8.37 -25.95 32.47
CA LYS D 125 -9.51 -25.09 32.81
C LYS D 125 -9.05 -23.83 33.51
N ARG D 126 -8.09 -23.95 34.42
CA ARG D 126 -7.53 -22.79 35.15
C ARG D 126 -6.86 -21.82 34.19
N ASP D 127 -6.09 -22.36 33.24
CA ASP D 127 -5.44 -21.52 32.28
C ASP D 127 -6.47 -20.77 31.46
N ILE D 128 -7.52 -21.46 31.05
CA ILE D 128 -8.53 -20.78 30.21
C ILE D 128 -9.23 -19.70 31.04
N ALA D 129 -9.67 -20.05 32.23
CA ALA D 129 -10.37 -19.10 33.08
C ALA D 129 -9.53 -17.89 33.36
N SER D 130 -8.27 -18.13 33.59
CA SER D 130 -7.35 -17.05 33.92
C SER D 130 -7.13 -16.12 32.72
N PHE D 131 -6.98 -16.71 31.53
CA PHE D 131 -6.80 -15.90 30.33
C PHE D 131 -8.02 -14.99 30.09
N LEU D 132 -9.19 -15.59 30.18
CA LEU D 132 -10.42 -14.86 29.99
C LEU D 132 -10.61 -13.77 31.07
N ARG D 133 -10.25 -14.04 32.34
CA ARG D 133 -10.44 -13.08 33.40
CA ARG D 133 -10.44 -13.02 33.39
C ARG D 133 -9.52 -11.86 33.08
N GLN D 134 -8.31 -12.14 32.67
CA GLN D 134 -7.38 -11.08 32.39
C GLN D 134 -7.84 -10.26 31.17
N MET D 135 -8.23 -10.91 30.07
CA MET D 135 -8.68 -10.14 28.90
C MET D 135 -9.94 -9.35 29.18
N HIS D 136 -10.92 -9.99 29.81
CA HIS D 136 -12.17 -9.33 30.13
C HIS D 136 -12.02 -8.18 31.12
N GLY D 137 -10.95 -8.16 31.91
CA GLY D 137 -10.71 -7.09 32.87
C GLY D 137 -9.97 -5.88 32.26
N LEU D 138 -9.50 -5.95 31.00
CA LEU D 138 -8.70 -4.87 30.48
C LEU D 138 -9.59 -3.67 30.26
N ASP D 139 -9.06 -2.50 30.58
CA ASP D 139 -9.66 -1.23 30.24
C ASP D 139 -9.54 -1.14 28.70
N TYR D 140 -10.67 -0.98 28.01
CA TYR D 140 -10.68 -1.05 26.54
C TYR D 140 -10.82 0.31 25.84
N THR D 141 -10.49 1.38 26.54
CA THR D 141 -10.60 2.74 26.03
C THR D 141 -9.89 2.89 24.71
N ASP D 142 -8.71 2.30 24.60
CA ASP D 142 -7.86 2.47 23.42
C ASP D 142 -8.36 1.75 22.14
N ILE D 143 -9.34 0.85 22.27
CA ILE D 143 -9.95 0.17 21.14
C ILE D 143 -11.45 0.35 21.19
N SER D 144 -11.90 1.50 21.70
CA SER D 144 -13.29 1.68 22.07
C SER D 144 -14.23 1.73 20.87
N GLU D 145 -13.70 1.95 19.67
CA GLU D 145 -14.45 1.86 18.41
C GLU D 145 -14.85 0.43 18.05
N CYS D 146 -14.19 -0.60 18.64
CA CYS D 146 -14.41 -2.00 18.24
C CYS D 146 -15.56 -2.67 18.97
N THR D 147 -16.69 -1.99 19.08
CA THR D 147 -17.85 -2.48 19.78
C THR D 147 -18.62 -3.38 18.84
N ILE D 148 -19.34 -4.31 19.44
CA ILE D 148 -20.24 -5.15 18.70
C ILE D 148 -21.53 -5.24 19.50
N ASP D 149 -22.63 -4.97 18.83
CA ASP D 149 -23.97 -5.01 19.39
C ASP D 149 -24.73 -6.19 18.69
N ASN D 150 -24.78 -7.32 19.32
CA ASN D 150 -25.42 -8.50 18.74
C ASN D 150 -26.92 -8.32 18.45
N LYS D 151 -27.63 -7.68 19.33
CA LYS D 151 -29.06 -7.44 19.11
C LYS D 151 -29.30 -6.61 17.85
N GLN D 152 -28.58 -5.52 17.72
CA GLN D 152 -28.62 -4.68 16.54
C GLN D 152 -28.23 -5.43 15.26
N ASN D 153 -27.21 -6.26 15.32
CA ASN D 153 -26.78 -7.03 14.15
C ASN D 153 -27.94 -7.97 13.69
N VAL D 154 -28.58 -8.60 14.64
CA VAL D 154 -29.72 -9.46 14.33
C VAL D 154 -30.85 -8.66 13.71
N LEU D 155 -31.16 -7.49 14.24
CA LEU D 155 -32.17 -6.65 13.66
C LEU D 155 -31.84 -6.31 12.23
N GLU D 156 -30.59 -5.96 11.92
CA GLU D 156 -30.19 -5.66 10.53
C GLU D 156 -30.29 -6.88 9.64
N GLU D 157 -29.98 -8.06 10.18
CA GLU D 157 -30.14 -9.28 9.43
C GLU D 157 -31.60 -9.63 9.14
N TYR D 158 -32.46 -9.35 10.09
CA TYR D 158 -33.92 -9.57 9.96
C TYR D 158 -34.43 -8.61 8.95
N ILE D 159 -33.99 -7.39 8.93
CA ILE D 159 -34.43 -6.46 7.87
C ILE D 159 -34.05 -6.96 6.49
N LEU D 160 -32.83 -7.48 6.36
CA LEU D 160 -32.42 -8.08 5.09
C LEU D 160 -33.35 -9.24 4.68
N LEU D 161 -33.71 -10.10 5.63
CA LEU D 161 -34.67 -11.16 5.35
C LEU D 161 -35.96 -10.62 4.85
N ARG D 162 -36.49 -9.62 5.53
CA ARG D 162 -37.76 -8.99 5.12
C ARG D 162 -37.69 -8.43 3.72
N GLU D 163 -36.52 -7.89 3.37
CA GLU D 163 -36.30 -7.32 2.05
C GLU D 163 -36.05 -8.35 0.95
N THR D 164 -35.78 -9.61 1.30
CA THR D 164 -35.37 -10.60 0.29
C THR D 164 -36.31 -11.75 0.29
N ILE D 165 -36.04 -12.79 1.08
CA ILE D 165 -36.84 -14.00 0.96
C ILE D 165 -37.98 -14.23 1.92
N TYR D 166 -38.13 -13.38 2.92
CA TYR D 166 -39.14 -13.63 3.96
C TYR D 166 -40.50 -13.94 3.41
N ASN D 167 -40.97 -13.17 2.45
CA ASN D 167 -42.33 -13.35 1.90
C ASN D 167 -42.54 -14.70 1.20
N ASP D 168 -41.48 -15.31 0.70
CA ASP D 168 -41.57 -16.64 0.11
C ASP D 168 -41.44 -17.80 1.13
N LEU D 169 -41.18 -17.52 2.40
CA LEU D 169 -40.98 -18.57 3.38
C LEU D 169 -42.33 -19.19 3.73
N THR D 170 -42.32 -20.39 4.28
CA THR D 170 -43.56 -20.98 4.80
C THR D 170 -43.99 -20.35 6.15
N ASP D 171 -45.22 -20.64 6.55
CA ASP D 171 -45.68 -20.22 7.85
C ASP D 171 -44.83 -20.76 8.99
N ILE D 172 -44.44 -22.03 8.92
CA ILE D 172 -43.58 -22.62 9.94
C ILE D 172 -42.24 -21.88 10.05
N GLU D 173 -41.65 -21.50 8.92
CA GLU D 173 -40.39 -20.78 8.92
C GLU D 173 -40.58 -19.41 9.49
N LYS D 174 -41.60 -18.69 9.01
CA LYS D 174 -41.91 -17.37 9.55
C LYS D 174 -42.17 -17.39 11.05
N ASP D 175 -42.94 -18.36 11.53
CA ASP D 175 -43.19 -18.45 12.95
C ASP D 175 -41.92 -18.67 13.76
N TYR D 176 -40.99 -19.47 13.25
CA TYR D 176 -39.75 -19.71 13.98
C TYR D 176 -39.00 -18.40 14.10
N ILE D 177 -38.90 -17.68 12.99
CA ILE D 177 -38.16 -16.40 12.98
C ILE D 177 -38.81 -15.37 13.93
N GLU D 178 -40.12 -15.22 13.85
CA GLU D 178 -40.86 -14.21 14.66
C GLU D 178 -40.76 -14.56 16.12
N SER D 179 -40.84 -15.83 16.42
CA SER D 179 -40.74 -16.27 17.77
C SER D 179 -39.33 -16.00 18.38
N PHE D 180 -38.28 -16.17 17.57
CA PHE D 180 -36.96 -15.76 17.95
C PHE D 180 -36.89 -14.23 18.19
N MET D 181 -37.45 -13.43 17.29
CA MET D 181 -37.39 -11.95 17.42
C MET D 181 -38.12 -11.49 18.68
N GLU D 182 -39.21 -12.15 19.04
CA GLU D 182 -39.90 -11.88 20.29
C GLU D 182 -38.99 -12.16 21.52
N ARG D 183 -38.32 -13.27 21.48
CA ARG D 183 -37.43 -13.65 22.55
C ARG D 183 -36.24 -12.68 22.64
N LEU D 184 -35.68 -12.31 21.49
CA LEU D 184 -34.60 -11.35 21.47
C LEU D 184 -34.99 -10.02 22.13
N ASN D 185 -36.22 -9.59 21.90
CA ASN D 185 -36.74 -8.38 22.46
C ASN D 185 -37.07 -8.46 23.94
N ALA D 186 -37.43 -9.65 24.44
CA ALA D 186 -37.75 -9.80 25.89
C ALA D 186 -36.52 -10.14 26.72
N THR D 187 -35.44 -10.65 26.16
CA THR D 187 -34.34 -11.10 27.02
C THR D 187 -33.61 -9.93 27.72
N THR D 188 -33.08 -10.22 28.90
CA THR D 188 -32.24 -9.32 29.61
C THR D 188 -30.76 -9.67 29.51
N VAL D 189 -30.37 -10.65 28.71
CA VAL D 189 -28.99 -11.05 28.75
C VAL D 189 -28.01 -10.13 28.08
N PHE D 190 -28.49 -9.08 27.44
CA PHE D 190 -27.59 -8.06 26.88
C PHE D 190 -27.30 -6.92 27.86
N GLU D 191 -27.80 -6.97 29.08
CA GLU D 191 -27.74 -5.80 29.95
C GLU D 191 -26.67 -5.92 31.02
N GLY D 192 -25.74 -6.86 30.91
CA GLY D 192 -24.69 -6.99 31.89
C GLY D 192 -23.40 -6.36 31.37
N LYS D 193 -22.30 -6.84 31.94
CA LYS D 193 -20.99 -6.30 31.70
C LYS D 193 -20.56 -6.48 30.22
N LYS D 194 -19.98 -5.40 29.70
CA LYS D 194 -19.34 -5.38 28.39
C LYS D 194 -17.85 -5.38 28.58
N CYS D 195 -17.15 -6.06 27.71
CA CYS D 195 -15.69 -6.11 27.77
C CYS D 195 -15.16 -6.64 26.47
N LEU D 196 -13.86 -6.57 26.31
CA LEU D 196 -13.22 -7.15 25.11
C LEU D 196 -13.33 -8.68 25.20
N CYS D 197 -13.92 -9.30 24.21
CA CYS D 197 -14.06 -10.75 24.15
C CYS D 197 -13.44 -11.25 22.90
N HIS D 198 -12.96 -12.49 22.96
CA HIS D 198 -12.46 -13.19 21.77
C HIS D 198 -13.58 -13.37 20.77
N ASN D 199 -14.70 -13.87 21.28
CA ASN D 199 -15.99 -13.95 20.55
C ASN D 199 -16.05 -15.05 19.51
N ASP D 200 -15.07 -15.93 19.48
CA ASP D 200 -15.22 -17.21 18.75
C ASP D 200 -14.38 -18.27 19.48
N PHE D 201 -14.63 -18.39 20.76
CA PHE D 201 -13.66 -18.99 21.69
C PHE D 201 -14.03 -20.46 21.86
N ASN D 202 -13.48 -21.30 21.00
CA ASN D 202 -13.82 -22.67 20.95
C ASN D 202 -12.55 -23.49 20.76
N CYS D 203 -12.70 -24.80 20.77
CA CYS D 203 -11.59 -25.73 20.64
C CYS D 203 -10.58 -25.46 19.51
N ASN D 204 -11.10 -25.19 18.31
CA ASN D 204 -10.34 -24.89 17.13
C ASN D 204 -9.39 -23.69 17.22
N HIS D 205 -9.55 -22.86 18.23
CA HIS D 205 -8.71 -21.71 18.39
C HIS D 205 -7.78 -21.80 19.57
N LEU D 206 -7.77 -22.94 20.25
CA LEU D 206 -6.95 -23.12 21.44
C LEU D 206 -5.82 -24.10 21.18
N LEU D 207 -4.59 -23.66 21.41
CA LEU D 207 -3.41 -24.48 21.17
C LEU D 207 -2.80 -24.99 22.47
N LEU D 208 -2.42 -26.27 22.46
CA LEU D 208 -1.72 -26.91 23.55
C LEU D 208 -0.26 -27.18 23.24
N ASP D 209 0.59 -27.06 24.28
CA ASP D 209 2.01 -27.44 24.16
C ASP D 209 2.18 -28.95 24.46
N GLY D 210 3.42 -29.46 24.52
CA GLY D 210 3.68 -30.89 24.72
C GLY D 210 3.25 -31.47 26.04
N ASN D 211 2.99 -30.61 27.04
CA ASN D 211 2.41 -31.01 28.33
C ASN D 211 0.89 -30.79 28.49
N ASN D 212 0.18 -30.56 27.38
CA ASN D 212 -1.27 -30.25 27.36
C ASN D 212 -1.69 -29.02 28.14
N ARG D 213 -0.78 -28.07 28.26
CA ARG D 213 -1.12 -26.76 28.81
C ARG D 213 -1.46 -25.82 27.64
N LEU D 214 -2.25 -24.81 27.94
CA LEU D 214 -2.61 -23.84 26.94
C LEU D 214 -1.40 -23.02 26.60
N THR D 215 -1.06 -23.02 25.34
CA THR D 215 0.11 -22.27 24.85
C THR D 215 -0.21 -21.15 23.88
N GLY D 216 -1.35 -21.23 23.19
CA GLY D 216 -1.73 -20.17 22.26
C GLY D 216 -3.22 -20.09 22.02
N ILE D 217 -3.63 -18.89 21.60
CA ILE D 217 -5.00 -18.59 21.18
C ILE D 217 -4.94 -17.80 19.88
N ILE D 218 -5.66 -18.24 18.85
CA ILE D 218 -5.64 -17.62 17.55
C ILE D 218 -7.03 -17.15 17.18
N ASP D 219 -7.07 -16.45 16.06
CA ASP D 219 -8.27 -15.96 15.38
C ASP D 219 -9.15 -15.09 16.25
N PHE D 220 -8.66 -13.87 16.42
CA PHE D 220 -9.45 -12.87 17.07
C PHE D 220 -10.22 -12.08 16.03
N GLY D 221 -10.54 -12.66 14.87
CA GLY D 221 -11.28 -11.99 13.80
C GLY D 221 -12.70 -11.58 14.11
N ASP D 222 -13.34 -12.09 15.14
CA ASP D 222 -14.65 -11.63 15.51
C ASP D 222 -14.63 -10.89 16.86
N SER D 223 -13.46 -10.62 17.40
CA SER D 223 -13.33 -9.99 18.69
C SER D 223 -13.81 -8.60 18.71
N GLY D 224 -14.25 -8.19 19.88
CA GLY D 224 -14.68 -6.83 20.05
C GLY D 224 -15.18 -6.64 21.45
N ILE D 225 -15.73 -5.45 21.68
CA ILE D 225 -16.29 -5.12 22.94
C ILE D 225 -17.74 -5.53 22.84
N ILE D 226 -18.15 -6.43 23.74
CA ILE D 226 -19.43 -7.12 23.60
C ILE D 226 -19.72 -7.74 24.98
N ASP D 227 -20.85 -8.41 25.10
CA ASP D 227 -21.19 -9.08 26.35
C ASP D 227 -20.17 -10.09 26.84
N GLU D 228 -19.83 -9.97 28.11
CA GLU D 228 -18.96 -10.91 28.83
C GLU D 228 -19.38 -12.41 28.61
N TYR D 229 -20.66 -12.66 28.59
CA TYR D 229 -21.19 -13.99 28.34
C TYR D 229 -20.71 -14.62 26.98
N CYS D 230 -20.39 -13.80 25.97
CA CYS D 230 -19.98 -14.27 24.61
C CYS D 230 -18.89 -15.29 24.64
N ASP D 231 -17.93 -15.13 25.55
CA ASP D 231 -16.80 -16.00 25.54
C ASP D 231 -17.05 -17.35 26.17
N PHE D 232 -18.29 -17.63 26.63
CA PHE D 232 -18.57 -18.91 27.22
C PHE D 232 -19.52 -19.75 26.38
N ILE D 233 -19.99 -19.20 25.29
CA ILE D 233 -21.03 -19.81 24.52
C ILE D 233 -20.62 -21.15 23.91
N TYR D 234 -19.38 -21.26 23.48
CA TYR D 234 -18.91 -22.49 22.81
C TYR D 234 -18.37 -23.45 23.87
N LEU D 235 -17.81 -22.92 24.94
CA LEU D 235 -17.42 -23.77 26.07
C LEU D 235 -18.63 -24.44 26.65
N LEU D 236 -19.82 -23.82 26.58
CA LEU D 236 -21.07 -24.43 27.04
C LEU D 236 -21.76 -25.33 26.04
N GLU D 237 -21.23 -25.45 24.82
CA GLU D 237 -21.88 -26.20 23.77
C GLU D 237 -21.70 -27.71 23.93
N ASP D 238 -22.81 -28.39 23.76
CA ASP D 238 -22.87 -29.85 23.69
C ASP D 238 -22.98 -30.26 22.19
N SER D 239 -21.85 -30.57 21.58
CA SER D 239 -21.76 -31.01 20.16
C SER D 239 -20.48 -31.85 19.97
N GLU D 240 -20.33 -32.42 18.79
CA GLU D 240 -19.15 -33.24 18.53
C GLU D 240 -17.84 -32.47 18.44
N GLU D 241 -17.91 -31.18 18.16
CA GLU D 241 -16.70 -30.40 17.90
C GLU D 241 -16.18 -29.82 19.22
N GLU D 242 -17.04 -29.69 20.24
CA GLU D 242 -16.68 -29.10 21.53
C GLU D 242 -16.70 -30.18 22.65
N ILE D 243 -16.09 -29.83 23.79
CA ILE D 243 -15.89 -30.79 24.85
C ILE D 243 -17.14 -31.17 25.58
N GLY D 244 -18.00 -30.23 25.93
CA GLY D 244 -19.34 -30.51 26.55
C GLY D 244 -19.77 -29.38 27.50
N THR D 245 -21.06 -29.33 27.84
CA THR D 245 -21.58 -28.36 28.81
C THR D 245 -20.84 -28.33 30.17
N ASN D 246 -20.43 -29.51 30.66
CA ASN D 246 -19.60 -29.67 31.90
C ASN D 246 -18.32 -28.85 31.91
N PHE D 247 -17.64 -28.89 30.80
CA PHE D 247 -16.43 -28.13 30.60
C PHE D 247 -16.65 -26.63 30.76
N GLY D 248 -17.66 -26.12 30.11
CA GLY D 248 -18.01 -24.69 30.25
C GLY D 248 -18.47 -24.30 31.65
N GLU D 249 -19.27 -25.17 32.25
CA GLU D 249 -19.70 -24.96 33.63
C GLU D 249 -18.52 -24.90 34.60
N ASP D 250 -17.60 -25.86 34.49
CA ASP D 250 -16.43 -25.89 35.32
C ASP D 250 -15.59 -24.61 35.13
N ILE D 251 -15.40 -24.20 33.86
CA ILE D 251 -14.67 -22.99 33.57
C ILE D 251 -15.35 -21.76 34.16
N LEU D 252 -16.65 -21.71 34.03
CA LEU D 252 -17.43 -20.63 34.62
C LEU D 252 -17.31 -20.56 36.16
N ARG D 253 -17.28 -21.70 36.82
CA ARG D 253 -17.07 -21.71 38.26
C ARG D 253 -15.69 -21.25 38.67
N MET D 254 -14.68 -21.66 37.94
CA MET D 254 -13.34 -21.13 38.16
C MET D 254 -13.22 -19.68 37.89
N TYR D 255 -13.92 -19.16 36.88
CA TYR D 255 -13.80 -17.75 36.48
C TYR D 255 -14.39 -16.91 37.56
N GLY D 256 -15.54 -17.36 38.10
CA GLY D 256 -16.26 -16.71 39.22
C GLY D 256 -16.97 -15.41 38.84
N ASN D 257 -17.77 -14.91 39.73
CA ASN D 257 -18.36 -13.58 39.60
C ASN D 257 -19.14 -13.46 38.27
N ILE D 258 -19.91 -14.48 37.94
CA ILE D 258 -20.70 -14.43 36.73
C ILE D 258 -21.93 -15.28 36.90
N ASP D 259 -23.03 -14.80 36.36
CA ASP D 259 -24.28 -15.47 36.47
C ASP D 259 -24.34 -16.60 35.41
N ILE D 260 -24.16 -17.83 35.87
CA ILE D 260 -24.10 -18.99 35.03
C ILE D 260 -25.42 -19.22 34.29
N GLU D 261 -26.55 -18.95 34.93
CA GLU D 261 -27.82 -19.14 34.27
C GLU D 261 -27.98 -18.17 33.08
N LYS D 262 -27.50 -16.96 33.21
CA LYS D 262 -27.56 -16.04 32.08
C LYS D 262 -26.55 -16.42 31.00
N ALA D 263 -25.39 -16.91 31.36
CA ALA D 263 -24.49 -17.42 30.37
C ALA D 263 -25.16 -18.52 29.54
N LYS D 264 -25.86 -19.40 30.20
CA LYS D 264 -26.59 -20.44 29.49
C LYS D 264 -27.72 -19.91 28.66
N GLU D 265 -28.45 -18.92 29.17
CA GLU D 265 -29.51 -18.29 28.37
C GLU D 265 -28.88 -17.67 27.10
N TYR D 266 -27.75 -16.97 27.24
CA TYR D 266 -27.10 -16.33 26.09
C TYR D 266 -26.73 -17.41 25.05
N GLN D 267 -26.13 -18.49 25.51
CA GLN D 267 -25.80 -19.60 24.62
C GLN D 267 -27.05 -20.18 23.91
N ASP D 268 -28.15 -20.31 24.65
CA ASP D 268 -29.39 -20.88 24.14
C ASP D 268 -30.01 -19.95 23.05
N ILE D 269 -29.94 -18.64 23.23
CA ILE D 269 -30.39 -17.69 22.24
C ILE D 269 -29.55 -17.74 20.97
N VAL D 270 -28.22 -17.83 21.12
CA VAL D 270 -27.34 -17.96 19.95
C VAL D 270 -27.64 -19.23 19.24
N GLU D 271 -27.90 -20.31 19.97
CA GLU D 271 -28.19 -21.58 19.35
C GLU D 271 -29.53 -21.51 18.61
N GLU D 272 -30.54 -20.84 19.14
CA GLU D 272 -31.85 -20.73 18.47
C GLU D 272 -31.67 -19.90 17.20
N TYR D 273 -30.76 -18.91 17.22
CA TYR D 273 -30.51 -18.10 16.06
C TYR D 273 -29.83 -18.83 14.90
N TYR D 274 -29.14 -19.91 15.16
CA TYR D 274 -28.27 -20.52 14.19
C TYR D 274 -28.87 -20.85 12.82
N PRO D 275 -30.00 -21.48 12.75
CA PRO D 275 -30.62 -21.64 11.41
C PRO D 275 -30.87 -20.33 10.64
N ILE D 276 -31.25 -19.26 11.35
CA ILE D 276 -31.54 -17.98 10.73
C ILE D 276 -30.22 -17.43 10.24
N GLU D 277 -29.19 -17.47 11.08
CA GLU D 277 -27.83 -17.07 10.70
C GLU D 277 -27.36 -17.80 9.43
N THR D 278 -27.68 -19.09 9.32
CA THR D 278 -27.30 -19.89 8.20
C THR D 278 -28.04 -19.38 6.95
N ILE D 279 -29.35 -19.13 7.05
CA ILE D 279 -30.13 -18.65 5.90
C ILE D 279 -29.58 -17.30 5.42
N VAL D 280 -29.30 -16.42 6.35
CA VAL D 280 -28.78 -15.09 6.07
C VAL D 280 -27.42 -15.13 5.43
N TYR D 281 -26.57 -16.04 5.86
CA TYR D 281 -25.27 -16.23 5.25
C TYR D 281 -25.43 -16.59 3.80
N GLY D 282 -26.40 -17.47 3.51
CA GLY D 282 -26.71 -17.87 2.15
C GLY D 282 -27.21 -16.73 1.27
N ILE D 283 -28.02 -15.84 1.84
CA ILE D 283 -28.54 -14.71 1.09
C ILE D 283 -27.39 -13.77 0.79
N LYS D 284 -26.62 -13.42 1.80
CA LYS D 284 -25.56 -12.41 1.66
C LYS D 284 -24.46 -12.84 0.72
N ASN D 285 -24.15 -14.14 0.65
CA ASN D 285 -23.01 -14.63 -0.11
C ASN D 285 -23.50 -15.45 -1.32
N ILE D 286 -24.78 -15.32 -1.64
CA ILE D 286 -25.39 -15.95 -2.82
C ILE D 286 -25.02 -17.42 -2.85
N LYS D 287 -25.26 -18.15 -1.78
CA LYS D 287 -25.08 -19.61 -1.74
C LYS D 287 -26.35 -20.33 -1.28
N GLN D 288 -27.12 -20.79 -2.25
CA GLN D 288 -28.40 -21.48 -2.06
C GLN D 288 -28.34 -22.64 -1.06
N GLU D 289 -27.23 -23.39 -1.09
CA GLU D 289 -27.04 -24.53 -0.20
C GLU D 289 -27.23 -24.13 1.33
N PHE D 290 -26.73 -22.96 1.72
CA PHE D 290 -26.90 -22.50 3.08
C PHE D 290 -28.34 -22.08 3.36
N ILE D 291 -29.01 -21.49 2.37
CA ILE D 291 -30.41 -21.12 2.54
C ILE D 291 -31.23 -22.40 2.77
N GLU D 292 -31.01 -23.40 1.93
CA GLU D 292 -31.67 -24.70 2.09
C GLU D 292 -31.34 -25.38 3.45
N ASN D 293 -30.07 -25.40 3.88
CA ASN D 293 -29.69 -26.06 5.15
C ASN D 293 -30.36 -25.42 6.36
N GLY D 294 -30.41 -24.08 6.36
CA GLY D 294 -31.05 -23.36 7.43
C GLY D 294 -32.54 -23.60 7.53
N ARG D 295 -33.21 -23.59 6.38
CA ARG D 295 -34.64 -23.78 6.34
C ARG D 295 -35.01 -25.19 6.80
N LYS D 296 -34.29 -26.20 6.33
CA LYS D 296 -34.47 -27.59 6.78
C LYS D 296 -34.29 -27.70 8.30
N GLU D 297 -33.23 -27.02 8.82
CA GLU D 297 -32.91 -27.07 10.25
C GLU D 297 -34.09 -26.46 11.09
N ILE D 298 -34.71 -25.42 10.54
CA ILE D 298 -35.89 -24.84 11.14
C ILE D 298 -37.01 -25.86 11.30
N TYR D 299 -37.27 -26.68 10.24
CA TYR D 299 -38.29 -27.74 10.29
C TYR D 299 -37.91 -28.78 11.33
N LYS D 300 -36.63 -29.19 11.38
CA LYS D 300 -36.28 -30.20 12.38
C LYS D 300 -36.47 -29.67 13.79
N ARG D 301 -36.07 -28.43 14.04
CA ARG D 301 -36.22 -27.84 15.35
C ARG D 301 -37.73 -27.61 15.70
N THR D 302 -38.57 -27.23 14.74
CA THR D 302 -40.01 -26.98 15.00
C THR D 302 -40.70 -28.29 15.33
PG GNP E . 9.45 13.71 -8.72
O1G GNP E . 8.39 13.03 -7.68
O2G GNP E . 8.92 14.80 -9.53
O3G GNP E . 10.31 12.55 -9.43
N3B GNP E . 10.60 14.33 -7.74
PB GNP E . 12.12 14.86 -7.91
O1B GNP E . 12.30 16.21 -6.91
O2B GNP E . 12.48 15.51 -9.18
O3A GNP E . 13.12 13.72 -7.38
PA GNP E . 14.62 13.30 -7.71
O1A GNP E . 14.44 11.78 -7.98
O2A GNP E . 15.18 14.01 -8.90
O5' GNP E . 15.60 13.69 -6.47
C5' GNP E . 15.54 15.03 -5.97
C4' GNP E . 16.96 15.49 -5.84
O4' GNP E . 17.61 14.60 -4.91
C3' GNP E . 17.79 15.33 -7.10
O3' GNP E . 17.69 16.44 -7.96
C2' GNP E . 19.20 15.26 -6.51
O2' GNP E . 19.54 16.58 -6.14
C1' GNP E . 18.95 14.40 -5.26
N9 GNP E . 19.16 12.95 -5.42
C8 GNP E . 18.17 11.99 -5.52
N7 GNP E . 18.67 10.79 -5.58
C5 GNP E . 20.04 11.01 -5.50
C6 GNP E . 21.05 10.11 -5.56
O6 GNP E . 20.93 8.93 -5.76
N1 GNP E . 22.31 10.68 -5.47
C2 GNP E . 22.51 12.01 -5.31
N2 GNP E . 23.77 12.43 -5.17
N3 GNP E . 21.51 12.88 -5.27
C4 GNP E . 20.32 12.30 -5.38
MG MG F . 14.53 15.22 -10.44
MG MG G . 11.07 13.32 -10.94
CL CL H . -5.02 33.63 -14.65
N3B GNP I . 3.17 26.79 23.29
PB GNP I . 2.78 25.45 22.40
O1B GNP I . 3.09 24.12 23.18
O2B GNP I . 3.44 25.48 21.11
O3A GNP I . 1.13 25.42 22.11
PA GNP I . -0.13 26.34 22.43
O1A GNP I . 0.25 27.59 23.19
O2A GNP I . -1.13 25.49 23.26
O5' GNP I . -0.50 26.68 20.92
C5' GNP I . 0.32 27.46 20.06
C4' GNP I . -0.47 28.65 19.59
O4' GNP I . -1.70 28.24 18.92
C3' GNP I . -0.97 29.59 20.69
O3' GNP I . 0.00 30.57 20.95
C2' GNP I . -2.08 30.33 19.97
O2' GNP I . -1.38 31.08 18.98
C1' GNP I . -2.74 29.18 19.20
N9 GNP I . -3.86 28.52 19.89
C8 GNP I . -3.87 27.32 20.52
N7 GNP I . -5.05 27.04 21.04
C5 GNP I . -5.86 28.11 20.69
C6 GNP I . -7.27 28.33 20.91
O6 GNP I . -8.12 27.62 21.47
N1 GNP I . -7.67 29.54 20.43
C2 GNP I . -6.89 30.40 19.77
N2 GNP I . -7.47 31.51 19.39
N3 GNP I . -5.59 30.20 19.50
C4 GNP I . -5.15 29.03 20.01
MG MG J . 1.68 28.47 24.14
MG MG K . 3.49 24.86 25.97
CL CL L . 29.24 26.78 22.61
PG GNP M . -2.17 -21.42 -22.68
O1G GNP M . -1.70 -20.36 -21.58
O2G GNP M . -1.18 -22.48 -22.78
O3G GNP M . -2.46 -20.65 -24.00
N3B GNP M . -3.55 -21.99 -22.03
PB GNP M . -4.95 -22.69 -22.52
O1B GNP M . -5.44 -23.35 -21.15
O2B GNP M . -4.80 -23.87 -23.36
O3A GNP M . -6.09 -21.58 -22.81
PA GNP M . -7.19 -21.49 -23.95
O1A GNP M . -6.83 -20.38 -24.89
O2A GNP M . -7.53 -22.74 -24.72
O5' GNP M . -8.41 -21.22 -22.85
C5' GNP M . -8.77 -22.19 -21.89
C4' GNP M . -10.24 -22.49 -22.11
O4' GNP M . -11.00 -21.27 -22.00
C3' GNP M . -10.59 -23.01 -23.51
O3' GNP M . -10.41 -24.43 -23.62
C2' GNP M . -12.07 -22.65 -23.58
O2' GNP M . -12.72 -23.60 -22.76
C1' GNP M . -12.13 -21.31 -22.84
N9 GNP M . -12.09 -20.15 -23.74
C8 GNP M . -11.04 -19.30 -24.01
N7 GNP M . -11.36 -18.41 -24.92
C5 GNP M . -12.70 -18.67 -25.20
C6 GNP M . -13.62 -17.97 -26.01
O6 GNP M . -13.42 -17.10 -26.81
N1 GNP M . -14.86 -18.51 -26.00
C2 GNP M . -15.19 -19.62 -25.32
N2 GNP M . -16.38 -20.11 -25.57
N3 GNP M . -14.35 -20.27 -24.52
C4 GNP M . -13.14 -19.73 -24.52
MG MG N . -6.31 -24.47 -25.22
MG MG O . -2.55 -22.63 -25.28
CL CL P . 11.69 -41.54 -13.46
PG GNP Q . -13.17 -18.68 11.42
O1G GNP Q . -13.08 -19.63 12.77
O2G GNP Q . -14.28 -19.17 10.61
O3G GNP Q . -13.42 -17.14 11.86
N3B GNP Q . -11.76 -18.82 10.58
PB GNP Q . -10.62 -17.73 10.14
O1B GNP Q . -11.13 -16.27 10.91
O2B GNP Q . -10.54 -17.63 8.69
O3A GNP Q . -8.97 -17.97 10.44
PA GNP Q . -8.04 -18.53 11.62
O1A GNP Q . -8.93 -19.31 12.54
O2A GNP Q . -7.25 -17.36 12.39
O5' GNP Q . -6.89 -19.34 10.68
C5' GNP Q . -7.44 -20.50 10.00
C4' GNP Q . -6.68 -21.72 10.45
O4' GNP Q . -5.28 -21.48 10.27
C3' GNP Q . -6.79 -22.08 11.93
O3' GNP Q . -7.88 -22.93 12.28
C2' GNP Q . -5.56 -22.94 12.11
O2' GNP Q . -5.87 -24.21 11.54
C1' GNP Q . -4.55 -22.15 11.28
N9 GNP Q . -3.82 -21.15 12.06
C8 GNP Q . -3.91 -19.77 12.07
N7 GNP Q . -3.04 -19.19 12.86
C5 GNP Q . -2.33 -20.25 13.41
C6 GNP Q . -1.27 -20.28 14.34
O6 GNP Q . -0.67 -19.34 14.85
N1 GNP Q . -0.87 -21.56 14.64
C2 GNP Q . -1.38 -22.71 14.08
N2 GNP Q . -0.77 -23.86 14.42
N3 GNP Q . -2.37 -22.72 13.18
C4 GNP Q . -2.82 -21.47 12.92
MG MG R . -11.13 -19.75 12.87
#